data_1HQS
#
_entry.id   1HQS
#
_cell.length_a   73.690
_cell.length_b   73.290
_cell.length_c   80.900
_cell.angle_alpha   90.00
_cell.angle_beta   109.48
_cell.angle_gamma   90.00
#
_symmetry.space_group_name_H-M   'P 1 21 1'
#
loop_
_entity.id
_entity.type
_entity.pdbx_description
1 polymer 'ISOCITRATE DEHYDROGENASE'
2 non-polymer 'CITRIC ACID'
3 non-polymer S-1,2-PROPANEDIOL
4 non-polymer R-1,2-PROPANEDIOL
5 water water
#
_entity_poly.entity_id   1
_entity_poly.type   'polypeptide(L)'
_entity_poly.pdbx_seq_one_letter_code
;MAQGEKITVSNGVLNVPNNPIIPFIEGDGTGPDIWNAASKVLEAAVEKAYKGEKKITWKEVYAGEKAYNKTGEWLPAETL
DVIREYFIAIKGPLTTPVGGGIRSLNVALRQELDLFV(CME)LRPVRYFTGVPSPVKRPEDTDMVIFRENTEDIYAGIEY
AKGSEEVQKLISFLQNELNVNKIRFPETSGIGIKPVSEEGTSRLVRAAIDYAIEHGRKSVTLVHKGNIMKFTEGAFKNWG
YELAEKEYGDKVFTWAQYDRIAEEQGKDAANKAQSEAEAAGKIIIKDSIADIFLQQILTRPNEFDVVATMNLNGDYISDA
LAAQVGGIGIAPGANINYETGHAIFEATHGTAPKYAGLDKVNPSSVILSGVLLLEHLGWNEAADLVIKSMEKTIASKVVT
YDFARLMDGATEVKCSEFGEELIKNMD
;
_entity_poly.pdbx_strand_id   A,B
#
# COMPACT_ATOMS: atom_id res chain seq x y z
N MET A 1 2.39 30.73 37.70
CA MET A 1 1.56 30.36 36.51
C MET A 1 1.14 31.59 35.68
N ALA A 2 2.13 32.27 35.07
CA ALA A 2 1.97 33.49 34.25
C ALA A 2 0.70 33.80 33.41
N GLN A 3 0.90 34.50 32.29
CA GLN A 3 -0.16 34.93 31.37
C GLN A 3 -0.94 33.84 30.60
N GLY A 4 -0.21 32.89 30.02
CA GLY A 4 -0.87 31.81 29.31
C GLY A 4 -1.15 30.74 30.33
N GLU A 5 -2.19 29.94 30.13
CA GLU A 5 -2.52 28.88 31.08
C GLU A 5 -2.54 27.49 30.46
N LYS A 6 -2.41 26.47 31.31
CA LYS A 6 -2.39 25.07 30.88
C LYS A 6 -3.79 24.46 30.68
N ILE A 7 -3.96 23.72 29.58
CA ILE A 7 -5.22 23.03 29.32
C ILE A 7 -5.24 21.90 30.33
N THR A 8 -6.41 21.54 30.82
CA THR A 8 -6.53 20.43 31.76
C THR A 8 -7.62 19.55 31.20
N VAL A 9 -7.70 18.32 31.68
CA VAL A 9 -8.74 17.42 31.21
C VAL A 9 -9.55 16.91 32.37
N SER A 10 -10.82 16.65 32.09
CA SER A 10 -11.74 16.15 33.09
C SER A 10 -12.40 14.90 32.52
N ASN A 11 -12.03 13.75 33.07
CA ASN A 11 -12.58 12.46 32.64
C ASN A 11 -12.63 12.35 31.11
N GLY A 12 -11.55 12.78 30.45
CA GLY A 12 -11.51 12.72 29.00
C GLY A 12 -11.95 13.95 28.21
N VAL A 13 -12.71 14.87 28.80
CA VAL A 13 -13.15 16.08 28.07
C VAL A 13 -12.21 17.25 28.40
N LEU A 14 -11.74 17.93 27.37
CA LEU A 14 -10.79 19.05 27.53
C LEU A 14 -11.33 20.35 28.11
N ASN A 15 -10.62 20.87 29.11
CA ASN A 15 -10.99 22.16 29.68
C ASN A 15 -9.93 23.12 29.16
N VAL A 16 -10.33 23.86 28.12
CA VAL A 16 -9.42 24.77 27.45
C VAL A 16 -9.57 26.22 27.87
N PRO A 17 -8.51 26.79 28.49
CA PRO A 17 -8.54 28.20 28.90
C PRO A 17 -8.60 29.07 27.64
N ASN A 18 -8.99 30.33 27.78
CA ASN A 18 -9.07 31.20 26.62
C ASN A 18 -7.73 31.72 26.11
N ASN A 19 -6.69 31.43 26.87
CA ASN A 19 -5.33 31.84 26.50
C ASN A 19 -4.47 30.60 26.80
N PRO A 20 -4.65 29.52 26.00
CA PRO A 20 -3.90 28.27 26.19
C PRO A 20 -2.46 28.28 25.68
N ILE A 21 -1.61 27.54 26.37
CA ILE A 21 -0.21 27.41 25.99
C ILE A 21 -0.16 26.15 25.14
N ILE A 22 0.27 26.30 23.89
N ILE A 22 0.27 26.33 23.89
CA ILE A 22 0.35 25.17 22.99
CA ILE A 22 0.35 25.22 22.93
C ILE A 22 1.79 24.96 22.50
C ILE A 22 1.80 24.96 22.48
N PRO A 23 2.41 23.86 22.95
CA PRO A 23 3.79 23.50 22.58
C PRO A 23 3.87 23.20 21.08
N PHE A 24 5.02 23.47 20.49
CA PHE A 24 5.20 23.16 19.08
C PHE A 24 6.65 22.77 18.81
N ILE A 25 6.83 21.89 17.83
CA ILE A 25 8.15 21.45 17.42
C ILE A 25 8.21 21.99 16.01
N GLU A 26 9.20 22.84 15.75
CA GLU A 26 9.36 23.45 14.45
C GLU A 26 9.55 22.44 13.32
N GLY A 27 10.40 21.44 13.55
CA GLY A 27 10.64 20.41 12.55
C GLY A 27 11.82 20.65 11.63
N ASP A 28 12.20 19.61 10.90
CA ASP A 28 13.33 19.65 9.97
C ASP A 28 12.96 20.23 8.60
N GLY A 29 13.98 20.50 7.78
CA GLY A 29 13.79 21.02 6.44
C GLY A 29 12.98 22.30 6.28
N THR A 30 11.84 22.18 5.58
CA THR A 30 10.93 23.32 5.35
C THR A 30 9.97 23.57 6.52
N GLY A 31 10.14 22.79 7.60
CA GLY A 31 9.32 22.95 8.79
C GLY A 31 9.23 24.39 9.27
N PRO A 32 10.38 25.09 9.45
CA PRO A 32 10.42 26.49 9.90
C PRO A 32 9.69 27.50 9.03
N ASP A 33 9.73 27.33 7.71
CA ASP A 33 9.05 28.23 6.79
C ASP A 33 7.53 28.08 6.93
N ILE A 34 7.07 26.83 7.00
CA ILE A 34 5.66 26.52 7.15
C ILE A 34 5.11 27.05 8.47
N TRP A 35 5.87 26.82 9.53
CA TRP A 35 5.48 27.24 10.88
C TRP A 35 5.30 28.75 11.02
N ASN A 36 6.10 29.51 10.31
CA ASN A 36 6.00 30.96 10.39
C ASN A 36 4.67 31.48 9.83
N ALA A 37 4.22 30.88 8.72
CA ALA A 37 2.96 31.27 8.08
C ALA A 37 1.76 30.63 8.78
N ALA A 38 1.87 29.33 9.07
CA ALA A 38 0.80 28.57 9.71
C ALA A 38 0.35 29.19 11.03
N SER A 39 1.32 29.47 11.90
CA SER A 39 1.04 30.07 13.20
C SER A 39 0.24 31.37 13.09
N LYS A 40 0.63 32.24 12.15
CA LYS A 40 -0.08 33.52 11.99
C LYS A 40 -1.51 33.39 11.48
N VAL A 41 -1.73 32.43 10.57
CA VAL A 41 -3.04 32.18 10.00
C VAL A 41 -3.97 31.69 11.11
N LEU A 42 -3.49 30.75 11.92
CA LEU A 42 -4.26 30.20 13.02
C LEU A 42 -4.56 31.30 14.05
N GLU A 43 -3.56 32.14 14.35
CA GLU A 43 -3.72 33.25 15.30
C GLU A 43 -4.79 34.20 14.80
N ALA A 44 -4.71 34.51 13.51
CA ALA A 44 -5.64 35.41 12.85
C ALA A 44 -7.07 34.89 12.96
N ALA A 45 -7.25 33.60 12.77
CA ALA A 45 -8.59 33.00 12.83
C ALA A 45 -9.14 33.08 14.25
N VAL A 46 -8.27 32.86 15.24
CA VAL A 46 -8.66 32.90 16.64
C VAL A 46 -9.08 34.33 16.99
N GLU A 47 -8.30 35.30 16.53
CA GLU A 47 -8.57 36.71 16.79
C GLU A 47 -9.84 37.16 16.10
N LYS A 48 -9.98 36.82 14.82
CA LYS A 48 -11.14 37.21 14.06
C LYS A 48 -12.42 36.53 14.52
N ALA A 49 -12.31 35.28 14.94
CA ALA A 49 -13.47 34.51 15.38
C ALA A 49 -14.03 34.93 16.74
N TYR A 50 -13.13 35.16 17.70
CA TYR A 50 -13.56 35.50 19.04
C TYR A 50 -13.34 36.93 19.51
N LYS A 51 -13.12 37.84 18.57
CA LYS A 51 -12.95 39.26 18.86
C LYS A 51 -11.98 39.62 19.97
N GLY A 52 -10.89 38.86 20.10
CA GLY A 52 -9.93 39.15 21.14
C GLY A 52 -10.13 38.42 22.45
N GLU A 53 -11.26 37.73 22.60
CA GLU A 53 -11.53 36.98 23.83
C GLU A 53 -10.50 35.85 24.02
N LYS A 54 -9.98 35.34 22.90
CA LYS A 54 -9.00 34.26 22.96
C LYS A 54 -7.66 34.62 22.34
N LYS A 55 -6.63 33.90 22.77
CA LYS A 55 -5.27 34.10 22.28
C LYS A 55 -4.50 32.81 22.49
N ILE A 56 -3.66 32.44 21.54
CA ILE A 56 -2.83 31.24 21.70
C ILE A 56 -1.41 31.68 22.04
N THR A 57 -0.81 31.02 23.03
CA THR A 57 0.57 31.29 23.43
C THR A 57 1.36 30.04 23.00
N TRP A 58 2.17 30.18 21.96
CA TRP A 58 2.96 29.06 21.49
C TRP A 58 4.21 28.87 22.34
N LYS A 59 4.53 27.62 22.67
CA LYS A 59 5.72 27.30 23.46
C LYS A 59 6.59 26.31 22.70
N GLU A 60 7.75 26.75 22.25
CA GLU A 60 8.61 25.85 21.47
C GLU A 60 9.31 24.79 22.29
N VAL A 61 9.28 23.55 21.80
CA VAL A 61 10.01 22.44 22.40
C VAL A 61 10.85 21.88 21.27
N TYR A 62 11.90 21.16 21.63
CA TYR A 62 12.83 20.64 20.64
C TYR A 62 12.82 19.13 20.43
N ALA A 63 13.02 18.71 19.18
CA ALA A 63 13.07 17.29 18.82
C ALA A 63 13.84 17.19 17.52
N GLY A 64 14.51 16.07 17.30
CA GLY A 64 15.27 15.93 16.07
C GLY A 64 16.62 16.64 16.10
N GLU A 65 17.07 17.05 14.92
CA GLU A 65 18.37 17.72 14.77
C GLU A 65 18.53 18.94 15.69
N LYS A 66 17.50 19.76 15.80
CA LYS A 66 17.56 20.96 16.65
C LYS A 66 17.79 20.58 18.11
N ALA A 67 17.14 19.52 18.58
CA ALA A 67 17.32 19.05 19.95
C ALA A 67 18.70 18.44 20.13
N TYR A 68 19.16 17.67 19.14
CA TYR A 68 20.48 17.04 19.20
C TYR A 68 21.57 18.15 19.27
N ASN A 69 21.45 19.16 18.43
CA ASN A 69 22.43 20.27 18.44
C ASN A 69 22.55 20.91 19.82
N LYS A 70 21.39 21.21 20.42
CA LYS A 70 21.33 21.86 21.72
C LYS A 70 21.63 21.00 22.95
N THR A 71 21.11 19.77 22.98
CA THR A 71 21.23 18.88 24.13
C THR A 71 21.99 17.57 23.98
N GLY A 72 22.30 17.17 22.75
CA GLY A 72 22.97 15.91 22.55
C GLY A 72 21.95 14.77 22.65
N GLU A 73 20.66 15.12 22.58
CA GLU A 73 19.59 14.14 22.65
C GLU A 73 18.56 14.39 21.56
N TRP A 74 18.15 13.34 20.86
CA TRP A 74 17.17 13.48 19.79
C TRP A 74 15.76 13.81 20.25
N LEU A 75 15.37 13.27 21.40
CA LEU A 75 14.04 13.53 21.96
C LEU A 75 14.23 13.70 23.48
N PRO A 76 14.54 14.93 23.92
CA PRO A 76 14.74 15.23 25.34
C PRO A 76 13.51 14.84 26.15
N ALA A 77 13.73 14.40 27.39
CA ALA A 77 12.62 14.02 28.26
C ALA A 77 11.73 15.23 28.45
N GLU A 78 12.35 16.40 28.51
CA GLU A 78 11.62 17.65 28.72
C GLU A 78 10.57 17.91 27.64
N THR A 79 10.87 17.50 26.40
CA THR A 79 9.92 17.70 25.31
C THR A 79 8.71 16.82 25.54
N LEU A 80 8.95 15.57 25.94
CA LEU A 80 7.87 14.64 26.24
C LEU A 80 7.05 15.15 27.41
N ASP A 81 7.76 15.59 28.44
CA ASP A 81 7.15 16.11 29.67
C ASP A 81 6.25 17.32 29.40
N VAL A 82 6.74 18.28 28.60
CA VAL A 82 5.97 19.47 28.25
C VAL A 82 4.73 19.11 27.42
N ILE A 83 4.90 18.20 26.46
CA ILE A 83 3.75 17.79 25.67
C ILE A 83 2.74 17.06 26.56
N ARG A 84 3.24 16.18 27.44
N ARG A 84 3.25 16.20 27.45
CA ARG A 84 2.36 15.45 28.34
CA ARG A 84 2.43 15.43 28.38
C ARG A 84 1.58 16.41 29.25
C ARG A 84 1.64 16.32 29.35
N GLU A 85 2.28 17.40 29.82
CA GLU A 85 1.64 18.35 30.73
C GLU A 85 0.66 19.30 30.07
N TYR A 86 1.00 19.79 28.87
CA TYR A 86 0.13 20.73 28.17
C TYR A 86 -0.97 20.11 27.30
N PHE A 87 -0.96 18.78 27.19
CA PHE A 87 -1.96 18.03 26.44
C PHE A 87 -1.96 18.04 24.92
N ILE A 88 -1.96 19.22 24.32
CA ILE A 88 -1.98 19.28 22.86
C ILE A 88 -0.80 20.05 22.27
N ALA A 89 -0.23 19.50 21.20
CA ALA A 89 0.91 20.12 20.53
C ALA A 89 0.77 20.05 19.01
N ILE A 90 1.57 20.84 18.32
CA ILE A 90 1.56 20.86 16.86
C ILE A 90 3.00 20.73 16.42
N LYS A 91 3.25 19.93 15.38
CA LYS A 91 4.63 19.72 14.96
C LYS A 91 4.91 19.67 13.47
N GLY A 92 6.14 20.06 13.15
CA GLY A 92 6.61 20.03 11.79
C GLY A 92 7.17 18.62 11.60
N PRO A 93 7.76 18.35 10.44
CA PRO A 93 8.31 17.01 10.15
C PRO A 93 9.65 16.72 10.80
N LEU A 94 9.87 15.44 11.13
CA LEU A 94 11.12 15.00 11.73
C LEU A 94 11.63 13.85 10.87
N THR A 95 12.88 13.97 10.43
CA THR A 95 13.49 12.97 9.57
C THR A 95 13.93 11.69 10.27
N THR A 96 13.58 10.56 9.66
CA THR A 96 13.96 9.26 10.18
C THR A 96 14.92 8.64 9.17
N PRO A 97 16.11 8.22 9.63
CA PRO A 97 17.10 7.61 8.75
C PRO A 97 16.58 6.26 8.25
N VAL A 98 16.99 5.91 7.04
CA VAL A 98 16.59 4.66 6.41
C VAL A 98 17.66 3.59 6.62
N GLY A 99 17.27 2.40 7.07
CA GLY A 99 18.22 1.30 7.24
C GLY A 99 19.11 1.24 8.47
N GLY A 100 19.11 2.31 9.25
CA GLY A 100 19.93 2.38 10.46
C GLY A 100 19.64 3.71 11.12
N GLY A 101 20.47 4.10 12.07
CA GLY A 101 20.25 5.37 12.76
C GLY A 101 19.15 5.26 13.80
N ILE A 102 18.67 6.41 14.23
CA ILE A 102 17.62 6.44 15.25
C ILE A 102 16.27 5.98 14.73
N ARG A 103 15.46 5.45 15.64
CA ARG A 103 14.11 5.02 15.35
C ARG A 103 13.30 6.29 15.22
N SER A 104 12.28 6.24 14.38
CA SER A 104 11.41 7.38 14.14
C SER A 104 10.99 8.12 15.40
N LEU A 105 11.25 9.43 15.40
CA LEU A 105 10.89 10.29 16.52
C LEU A 105 9.41 10.59 16.45
N ASN A 106 8.85 10.56 15.25
CA ASN A 106 7.43 10.82 15.06
C ASN A 106 6.67 9.66 15.71
N VAL A 107 7.20 8.45 15.53
CA VAL A 107 6.60 7.25 16.10
C VAL A 107 6.86 7.18 17.61
N ALA A 108 8.05 7.59 18.03
CA ALA A 108 8.40 7.59 19.45
C ALA A 108 7.39 8.46 20.21
N LEU A 109 7.07 9.63 19.66
CA LEU A 109 6.09 10.55 20.26
C LEU A 109 4.71 9.87 20.40
N ARG A 110 4.26 9.22 19.32
CA ARG A 110 2.98 8.53 19.31
C ARG A 110 2.92 7.43 20.35
N GLN A 111 3.99 6.66 20.46
N GLN A 111 3.99 6.65 20.44
CA GLN A 111 4.05 5.57 21.43
CA GLN A 111 4.05 5.55 21.39
C GLN A 111 4.09 6.11 22.86
C GLN A 111 4.29 5.94 22.84
N GLU A 112 5.07 6.97 23.13
N GLU A 112 5.07 7.01 23.07
CA GLU A 112 5.25 7.57 24.45
CA GLU A 112 5.36 7.48 24.43
C GLU A 112 3.97 8.20 24.99
C GLU A 112 4.10 7.97 25.11
N LEU A 113 3.24 8.89 24.13
N LEU A 113 3.33 8.77 24.38
CA LEU A 113 2.02 9.54 24.54
CA LEU A 113 2.09 9.36 24.88
C LEU A 113 0.78 8.70 24.23
C LEU A 113 0.83 8.52 24.62
N ASP A 114 1.00 7.42 23.90
CA ASP A 114 -0.11 6.48 23.59
C ASP A 114 -1.23 7.11 22.75
N LEU A 115 -0.85 7.84 21.69
CA LEU A 115 -1.79 8.51 20.79
C LEU A 115 -2.23 7.45 19.78
N PHE A 116 -3.11 6.55 20.24
CA PHE A 116 -3.57 5.41 19.46
C PHE A 116 -4.34 5.61 18.16
N VAL A 117 -4.84 6.81 17.92
CA VAL A 117 -5.54 7.07 16.70
C VAL A 117 -4.77 8.07 15.84
N LEU A 119 -5.63 10.18 12.86
CA LEU A 119 -6.79 10.64 12.14
C LEU A 119 -6.36 11.38 10.88
N ARG A 120 -6.80 10.88 9.73
CA ARG A 120 -6.44 11.47 8.46
C ARG A 120 -7.65 11.77 7.63
N PRO A 121 -8.13 13.02 7.66
CA PRO A 121 -9.31 13.35 6.85
C PRO A 121 -8.86 13.57 5.40
N VAL A 122 -9.66 13.09 4.45
CA VAL A 122 -9.32 13.25 3.05
C VAL A 122 -10.50 13.75 2.23
N ARG A 123 -10.42 15.00 1.83
CA ARG A 123 -11.47 15.59 1.01
C ARG A 123 -10.84 16.51 0.00
N TYR A 124 -11.59 16.80 -1.05
CA TYR A 124 -11.13 17.64 -2.15
C TYR A 124 -11.50 19.12 -2.04
N PHE A 125 -10.52 19.99 -2.26
CA PHE A 125 -10.74 21.44 -2.24
C PHE A 125 -10.85 21.88 -3.68
N THR A 126 -11.98 22.47 -4.04
CA THR A 126 -12.20 22.94 -5.40
C THR A 126 -11.03 23.77 -5.88
N GLY A 127 -10.55 23.46 -7.08
CA GLY A 127 -9.42 24.20 -7.62
C GLY A 127 -8.09 23.50 -7.51
N VAL A 128 -7.93 22.60 -6.54
CA VAL A 128 -6.67 21.87 -6.38
C VAL A 128 -6.41 20.92 -7.55
N PRO A 129 -5.21 20.98 -8.18
CA PRO A 129 -4.90 20.09 -9.31
C PRO A 129 -4.74 18.62 -8.89
N SER A 130 -5.46 17.75 -9.59
CA SER A 130 -5.48 16.32 -9.29
C SER A 130 -5.20 15.45 -10.52
N PRO A 131 -4.53 14.29 -10.31
CA PRO A 131 -4.20 13.34 -11.38
C PRO A 131 -5.38 12.45 -11.80
N VAL A 132 -6.45 12.43 -11.01
CA VAL A 132 -7.62 11.62 -11.33
C VAL A 132 -8.73 12.46 -11.89
N LYS A 133 -9.66 11.82 -12.58
CA LYS A 133 -10.79 12.52 -13.19
C LYS A 133 -11.80 13.13 -12.24
N ARG A 134 -12.17 12.38 -11.20
CA ARG A 134 -13.19 12.83 -10.27
C ARG A 134 -12.75 12.86 -8.80
N PRO A 135 -11.81 13.75 -8.45
CA PRO A 135 -11.33 13.86 -7.05
C PRO A 135 -12.47 14.26 -6.08
N GLU A 136 -13.53 14.85 -6.64
CA GLU A 136 -14.68 15.26 -5.84
C GLU A 136 -15.43 14.08 -5.22
N ASP A 137 -15.27 12.89 -5.79
CA ASP A 137 -15.93 11.69 -5.26
C ASP A 137 -15.24 11.15 -4.00
N THR A 138 -14.06 11.68 -3.69
CA THR A 138 -13.31 11.25 -2.53
C THR A 138 -13.53 12.13 -1.28
N ASP A 139 -14.21 11.57 -0.28
CA ASP A 139 -14.47 12.26 0.98
C ASP A 139 -14.46 11.15 2.02
N MET A 140 -13.33 10.98 2.69
CA MET A 140 -13.17 9.93 3.67
C MET A 140 -12.45 10.41 4.90
N VAL A 141 -12.52 9.59 5.95
CA VAL A 141 -11.82 9.87 7.20
C VAL A 141 -11.15 8.58 7.61
N ILE A 142 -9.82 8.57 7.60
CA ILE A 142 -9.06 7.39 7.95
C ILE A 142 -8.68 7.32 9.42
N PHE A 143 -9.04 6.21 10.06
CA PHE A 143 -8.69 5.96 11.44
C PHE A 143 -7.64 4.90 11.38
N ARG A 144 -6.39 5.34 11.55
CA ARG A 144 -5.24 4.46 11.52
C ARG A 144 -4.74 4.10 12.92
N GLU A 145 -4.69 2.82 13.26
CA GLU A 145 -4.18 2.40 14.56
C GLU A 145 -2.74 2.96 14.63
N ASN A 146 -2.41 3.60 15.74
CA ASN A 146 -1.16 4.31 15.88
C ASN A 146 -0.15 3.86 16.93
N THR A 147 -0.35 2.70 17.55
CA THR A 147 0.56 2.24 18.60
C THR A 147 1.12 0.82 18.51
N GLU A 148 0.64 0.03 17.57
CA GLU A 148 1.18 -1.31 17.42
C GLU A 148 1.51 -1.64 15.95
N ASP A 149 1.37 -2.92 15.56
CA ASP A 149 1.70 -3.36 14.20
C ASP A 149 3.24 -3.38 14.03
N ILE A 150 3.71 -3.50 12.80
CA ILE A 150 5.15 -3.56 12.55
C ILE A 150 5.90 -2.29 13.00
N TYR A 151 5.15 -1.23 13.31
CA TYR A 151 5.72 0.02 13.79
C TYR A 151 6.26 -0.05 15.22
N ALA A 152 5.99 -1.15 15.92
CA ALA A 152 6.50 -1.29 17.28
C ALA A 152 8.02 -1.16 17.29
N GLY A 153 8.66 -1.45 16.15
CA GLY A 153 10.12 -1.35 16.03
C GLY A 153 10.86 -2.53 16.64
N ILE A 154 10.26 -3.71 16.51
CA ILE A 154 10.83 -4.95 17.03
C ILE A 154 11.44 -5.71 15.82
N GLU A 155 12.74 -5.62 15.67
CA GLU A 155 13.40 -6.27 14.54
C GLU A 155 14.87 -6.47 14.83
N TYR A 156 15.47 -7.45 14.14
CA TYR A 156 16.87 -7.80 14.32
C TYR A 156 17.53 -8.01 12.98
N ALA A 157 18.73 -7.47 12.84
CA ALA A 157 19.47 -7.54 11.59
C ALA A 157 20.25 -8.81 11.34
N LYS A 158 20.44 -9.11 10.05
CA LYS A 158 21.22 -10.27 9.63
C LYS A 158 22.60 -10.10 10.26
N GLY A 159 23.16 -11.19 10.74
CA GLY A 159 24.47 -11.19 11.38
C GLY A 159 24.46 -10.85 12.86
N SER A 160 23.32 -10.41 13.40
CA SER A 160 23.26 -10.08 14.81
C SER A 160 23.06 -11.32 15.66
N GLU A 161 23.49 -11.23 16.91
CA GLU A 161 23.34 -12.32 17.84
C GLU A 161 21.85 -12.51 18.13
N GLU A 162 21.11 -11.40 18.16
CA GLU A 162 19.68 -11.41 18.41
C GLU A 162 18.90 -12.17 17.34
N VAL A 163 19.15 -11.87 16.07
CA VAL A 163 18.43 -12.56 15.01
C VAL A 163 18.74 -14.06 15.02
N GLN A 164 19.96 -14.41 15.40
CA GLN A 164 20.36 -15.81 15.46
C GLN A 164 19.51 -16.52 16.55
N LYS A 165 19.45 -15.93 17.74
CA LYS A 165 18.68 -16.49 18.84
C LYS A 165 17.20 -16.64 18.45
N LEU A 166 16.65 -15.62 17.80
CA LEU A 166 15.25 -15.62 17.37
C LEU A 166 14.95 -16.70 16.33
N ILE A 167 15.78 -16.77 15.30
CA ILE A 167 15.62 -17.75 14.24
C ILE A 167 15.75 -19.16 14.82
N SER A 168 16.74 -19.38 15.69
CA SER A 168 16.93 -20.70 16.28
C SER A 168 15.71 -21.08 17.10
N PHE A 169 15.20 -20.13 17.87
CA PHE A 169 14.02 -20.36 18.71
C PHE A 169 12.82 -20.78 17.85
N LEU A 170 12.54 -20.02 16.80
CA LEU A 170 11.45 -20.30 15.89
C LEU A 170 11.59 -21.69 15.27
N GLN A 171 12.78 -21.98 14.74
CA GLN A 171 13.03 -23.28 14.10
C GLN A 171 13.10 -24.47 15.03
N ASN A 172 13.77 -24.30 16.19
CA ASN A 172 13.94 -25.40 17.13
C ASN A 172 12.82 -25.61 18.12
N GLU A 173 12.26 -24.52 18.61
CA GLU A 173 11.21 -24.62 19.60
C GLU A 173 9.79 -24.54 19.07
N LEU A 174 9.59 -23.79 17.99
CA LEU A 174 8.26 -23.68 17.40
C LEU A 174 8.17 -24.43 16.06
N ASN A 175 9.22 -25.16 15.71
CA ASN A 175 9.28 -25.97 14.49
C ASN A 175 8.96 -25.24 13.19
N VAL A 176 9.39 -23.98 13.10
CA VAL A 176 9.17 -23.19 11.91
C VAL A 176 10.10 -23.69 10.80
N ASN A 177 9.53 -23.93 9.63
CA ASN A 177 10.31 -24.37 8.48
C ASN A 177 10.03 -23.51 7.25
N LYS A 178 9.36 -22.37 7.48
CA LYS A 178 9.00 -21.47 6.40
C LYS A 178 9.92 -20.27 6.14
N ILE A 179 11.01 -20.15 6.90
CA ILE A 179 11.96 -19.07 6.67
C ILE A 179 12.78 -19.58 5.49
N ARG A 180 12.63 -18.92 4.34
CA ARG A 180 13.32 -19.36 3.13
C ARG A 180 14.85 -19.33 3.18
N PHE A 181 15.41 -18.26 3.72
CA PHE A 181 16.85 -18.10 3.80
C PHE A 181 17.24 -17.69 5.22
N PRO A 182 17.20 -18.65 6.17
CA PRO A 182 17.53 -18.35 7.57
C PRO A 182 18.94 -17.79 7.87
N GLU A 183 19.92 -18.11 7.03
CA GLU A 183 21.29 -17.65 7.23
C GLU A 183 21.54 -16.18 6.89
N THR A 184 20.67 -15.57 6.07
CA THR A 184 20.88 -14.18 5.67
C THR A 184 19.67 -13.27 5.85
N SER A 185 18.77 -13.68 6.74
N SER A 185 18.74 -13.66 6.71
CA SER A 185 17.56 -12.92 7.01
CA SER A 185 17.57 -12.83 6.89
C SER A 185 17.62 -11.95 8.18
C SER A 185 17.58 -11.97 8.15
N GLY A 186 16.92 -10.83 8.03
CA GLY A 186 16.75 -9.89 9.12
C GLY A 186 15.31 -10.31 9.50
N ILE A 187 14.87 -10.09 10.72
CA ILE A 187 13.51 -10.51 11.11
C ILE A 187 12.76 -9.40 11.83
N GLY A 188 11.53 -9.14 11.39
CA GLY A 188 10.68 -8.12 12.01
C GLY A 188 9.52 -8.82 12.72
N ILE A 189 9.05 -8.24 13.81
CA ILE A 189 7.94 -8.79 14.60
C ILE A 189 6.70 -7.86 14.46
N LYS A 190 5.55 -8.46 14.17
CA LYS A 190 4.32 -7.73 13.94
C LYS A 190 3.20 -8.07 14.93
N PRO A 191 2.98 -7.21 15.94
CA PRO A 191 1.93 -7.47 16.92
C PRO A 191 0.66 -6.68 16.60
N VAL A 192 -0.48 -7.37 16.65
CA VAL A 192 -1.79 -6.75 16.43
C VAL A 192 -2.63 -7.40 17.52
N SER A 193 -3.27 -6.56 18.35
CA SER A 193 -4.02 -7.07 19.50
C SER A 193 -5.50 -6.75 19.56
N GLU A 194 -6.20 -7.45 20.44
CA GLU A 194 -7.62 -7.23 20.63
C GLU A 194 -7.83 -5.87 21.30
N GLU A 195 -6.99 -5.56 22.29
CA GLU A 195 -7.08 -4.28 22.99
C GLU A 195 -6.79 -3.12 22.06
N GLY A 196 -5.72 -3.24 21.27
CA GLY A 196 -5.38 -2.17 20.35
C GLY A 196 -6.43 -1.97 19.29
N THR A 197 -6.91 -3.06 18.71
CA THR A 197 -7.94 -2.98 17.67
C THR A 197 -9.23 -2.37 18.21
N SER A 198 -9.68 -2.84 19.36
CA SER A 198 -10.91 -2.37 19.97
C SER A 198 -10.96 -0.87 20.19
N ARG A 199 -9.92 -0.31 20.81
CA ARG A 199 -9.95 1.12 21.05
C ARG A 199 -9.93 1.93 19.75
N LEU A 200 -9.25 1.41 18.73
CA LEU A 200 -9.19 2.10 17.45
C LEU A 200 -10.56 2.08 16.76
N VAL A 201 -11.14 0.89 16.68
CA VAL A 201 -12.43 0.71 16.01
C VAL A 201 -13.56 1.47 16.75
N ARG A 202 -13.50 1.46 18.07
CA ARG A 202 -14.48 2.17 18.89
C ARG A 202 -14.44 3.64 18.51
N ALA A 203 -13.24 4.20 18.37
CA ALA A 203 -13.11 5.61 18.00
C ALA A 203 -13.65 5.87 16.60
N ALA A 204 -13.40 4.97 15.66
CA ALA A 204 -13.89 5.13 14.32
C ALA A 204 -15.43 5.13 14.26
N ILE A 205 -16.04 4.18 14.96
CA ILE A 205 -17.51 4.08 15.00
C ILE A 205 -18.13 5.30 15.70
N ASP A 206 -17.55 5.72 16.83
CA ASP A 206 -18.02 6.91 17.55
C ASP A 206 -18.00 8.13 16.64
N TYR A 207 -16.93 8.24 15.86
CA TYR A 207 -16.81 9.35 14.92
C TYR A 207 -17.92 9.25 13.86
N ALA A 208 -18.15 8.05 13.32
CA ALA A 208 -19.19 7.85 12.32
C ALA A 208 -20.56 8.30 12.85
N ILE A 209 -20.87 7.87 14.08
CA ILE A 209 -22.15 8.22 14.71
C ILE A 209 -22.21 9.71 14.92
N GLU A 210 -21.17 10.23 15.57
CA GLU A 210 -21.10 11.65 15.87
C GLU A 210 -21.24 12.55 14.64
N HIS A 211 -20.60 12.18 13.52
CA HIS A 211 -20.65 12.99 12.32
C HIS A 211 -21.61 12.53 11.24
N GLY A 212 -22.47 11.57 11.57
CA GLY A 212 -23.44 11.08 10.60
C GLY A 212 -22.89 10.50 9.32
N ARG A 213 -21.78 9.77 9.44
CA ARG A 213 -21.15 9.12 8.30
C ARG A 213 -21.93 7.82 8.08
N LYS A 214 -22.05 7.36 6.85
N LYS A 214 -22.00 7.40 6.83
CA LYS A 214 -22.84 6.15 6.63
CA LYS A 214 -22.76 6.21 6.42
C LYS A 214 -22.19 4.78 6.82
C LYS A 214 -22.17 4.81 6.62
N SER A 215 -20.86 4.70 6.77
CA SER A 215 -20.21 3.40 6.96
C SER A 215 -18.82 3.47 7.54
N VAL A 216 -18.38 2.34 8.06
CA VAL A 216 -17.02 2.16 8.59
C VAL A 216 -16.47 0.91 7.88
N THR A 217 -15.40 1.09 7.12
CA THR A 217 -14.79 -0.02 6.38
C THR A 217 -13.49 -0.45 7.05
N LEU A 218 -13.45 -1.70 7.49
CA LEU A 218 -12.27 -2.27 8.12
C LEU A 218 -11.32 -2.72 6.99
N VAL A 219 -10.12 -2.13 6.90
CA VAL A 219 -9.20 -2.52 5.82
C VAL A 219 -8.12 -3.43 6.35
N HIS A 220 -7.91 -4.56 5.69
CA HIS A 220 -6.97 -5.55 6.20
C HIS A 220 -6.47 -6.48 5.10
N LYS A 221 -5.43 -7.25 5.42
CA LYS A 221 -4.91 -8.23 4.46
C LYS A 221 -4.97 -9.56 5.22
N GLY A 222 -6.16 -9.86 5.75
CA GLY A 222 -6.39 -11.04 6.55
C GLY A 222 -6.37 -12.40 5.87
N ASN A 223 -6.35 -12.41 4.54
CA ASN A 223 -6.29 -13.67 3.82
C ASN A 223 -4.87 -14.24 3.84
N ILE A 224 -3.89 -13.39 4.14
CA ILE A 224 -2.48 -13.79 4.23
C ILE A 224 -1.94 -13.76 5.68
N MET A 225 -2.29 -12.70 6.41
CA MET A 225 -1.88 -12.54 7.82
C MET A 225 -3.16 -12.78 8.64
N LYS A 226 -3.47 -14.06 8.82
CA LYS A 226 -4.69 -14.48 9.49
C LYS A 226 -4.85 -14.11 10.94
N PHE A 227 -3.77 -14.21 11.69
CA PHE A 227 -3.79 -13.97 13.13
C PHE A 227 -3.50 -12.56 13.60
N THR A 228 -3.19 -11.69 12.64
CA THR A 228 -2.94 -10.29 12.96
C THR A 228 -3.96 -9.45 12.22
N GLU A 229 -3.82 -9.31 10.90
CA GLU A 229 -4.77 -8.53 10.14
C GLU A 229 -6.16 -9.17 10.06
N GLY A 230 -6.19 -10.50 9.98
CA GLY A 230 -7.46 -11.23 9.94
C GLY A 230 -8.14 -11.06 11.30
N ALA A 231 -7.36 -11.15 12.36
CA ALA A 231 -7.87 -10.97 13.72
C ALA A 231 -8.40 -9.53 13.92
N PHE A 232 -7.71 -8.54 13.35
CA PHE A 232 -8.14 -7.17 13.44
C PHE A 232 -9.56 -7.05 12.84
N LYS A 233 -9.76 -7.65 11.66
CA LYS A 233 -11.05 -7.62 10.99
C LYS A 233 -12.15 -8.23 11.90
N ASN A 234 -11.87 -9.40 12.46
CA ASN A 234 -12.83 -10.09 13.32
C ASN A 234 -13.12 -9.32 14.59
N TRP A 235 -12.07 -8.84 15.25
CA TRP A 235 -12.21 -8.05 16.47
C TRP A 235 -13.00 -6.78 16.20
N GLY A 236 -12.82 -6.19 15.03
CA GLY A 236 -13.53 -4.97 14.67
C GLY A 236 -15.01 -5.25 14.49
N TYR A 237 -15.35 -6.35 13.81
CA TYR A 237 -16.75 -6.75 13.61
C TYR A 237 -17.39 -7.10 14.95
N GLU A 238 -16.65 -7.82 15.80
CA GLU A 238 -17.12 -8.23 17.13
C GLU A 238 -17.43 -7.02 18.01
N LEU A 239 -16.51 -6.07 18.05
CA LEU A 239 -16.74 -4.86 18.86
C LEU A 239 -17.98 -4.10 18.37
N ALA A 240 -18.11 -3.95 17.05
CA ALA A 240 -19.24 -3.24 16.44
C ALA A 240 -20.57 -3.82 16.90
N GLU A 241 -20.71 -5.14 16.78
CA GLU A 241 -21.94 -5.81 17.18
C GLU A 241 -22.18 -5.82 18.68
N LYS A 242 -21.13 -6.01 19.48
CA LYS A 242 -21.25 -6.07 20.94
C LYS A 242 -21.56 -4.72 21.61
N GLU A 243 -20.89 -3.65 21.18
CA GLU A 243 -21.06 -2.34 21.78
C GLU A 243 -22.02 -1.39 21.06
N TYR A 244 -22.24 -1.61 19.77
CA TYR A 244 -23.10 -0.72 18.99
C TYR A 244 -24.16 -1.48 18.23
N GLY A 245 -24.56 -2.63 18.77
CA GLY A 245 -25.55 -3.47 18.12
C GLY A 245 -26.70 -2.78 17.44
N ASP A 246 -27.44 -2.00 18.20
CA ASP A 246 -28.62 -1.30 17.70
C ASP A 246 -28.34 -0.20 16.67
N LYS A 247 -27.10 0.31 16.66
CA LYS A 247 -26.71 1.39 15.77
C LYS A 247 -26.06 1.03 14.45
N VAL A 248 -25.70 -0.25 14.29
CA VAL A 248 -25.02 -0.67 13.08
C VAL A 248 -25.61 -1.92 12.46
N PHE A 249 -25.16 -2.21 11.24
CA PHE A 249 -25.52 -3.42 10.53
C PHE A 249 -24.18 -3.80 9.89
N THR A 250 -23.66 -4.95 10.26
CA THR A 250 -22.37 -5.39 9.75
C THR A 250 -22.48 -6.44 8.68
N TRP A 251 -21.41 -6.59 7.92
CA TRP A 251 -21.38 -7.63 6.89
C TRP A 251 -21.33 -9.01 7.54
N ALA A 252 -20.79 -9.09 8.75
CA ALA A 252 -20.72 -10.37 9.47
C ALA A 252 -22.15 -10.81 9.75
N GLN A 253 -22.96 -9.84 10.10
CA GLN A 253 -24.37 -10.00 10.41
C GLN A 253 -25.09 -10.45 9.13
N TYR A 254 -24.75 -9.81 8.02
CA TYR A 254 -25.30 -10.12 6.71
C TYR A 254 -25.06 -11.60 6.38
N ASP A 255 -23.82 -12.04 6.54
CA ASP A 255 -23.45 -13.42 6.26
C ASP A 255 -24.16 -14.42 7.17
N ARG A 256 -24.33 -14.09 8.44
CA ARG A 256 -25.00 -15.00 9.37
C ARG A 256 -26.47 -15.19 8.99
N ILE A 257 -27.09 -14.12 8.51
CA ILE A 257 -28.49 -14.18 8.07
C ILE A 257 -28.56 -15.07 6.84
N ALA A 258 -27.59 -14.93 5.92
CA ALA A 258 -27.56 -15.74 4.70
C ALA A 258 -27.45 -17.24 5.06
N GLU A 259 -26.51 -17.59 5.93
CA GLU A 259 -26.29 -18.97 6.41
C GLU A 259 -27.56 -19.59 6.98
N GLU A 260 -28.23 -18.81 7.81
CA GLU A 260 -29.45 -19.20 8.50
C GLU A 260 -30.75 -19.13 7.72
N GLN A 261 -30.93 -18.06 6.96
CA GLN A 261 -32.19 -17.86 6.25
C GLN A 261 -32.12 -17.62 4.76
N GLY A 262 -30.93 -17.69 4.20
CA GLY A 262 -30.81 -17.47 2.77
C GLY A 262 -30.43 -16.05 2.43
N LYS A 263 -30.02 -15.88 1.18
CA LYS A 263 -29.57 -14.63 0.62
C LYS A 263 -30.65 -13.56 0.54
N ASP A 264 -31.90 -14.00 0.39
CA ASP A 264 -32.99 -13.03 0.30
C ASP A 264 -33.30 -12.40 1.64
N ALA A 265 -33.30 -13.23 2.68
CA ALA A 265 -33.55 -12.75 4.05
C ALA A 265 -32.44 -11.77 4.44
N ALA A 266 -31.21 -12.07 4.04
CA ALA A 266 -30.05 -11.23 4.32
C ALA A 266 -30.12 -9.92 3.54
N ASN A 267 -30.61 -9.99 2.30
CA ASN A 267 -30.74 -8.80 1.45
C ASN A 267 -31.83 -7.86 1.98
N LYS A 268 -32.87 -8.47 2.55
CA LYS A 268 -34.00 -7.73 3.10
C LYS A 268 -33.57 -7.00 4.38
N ALA A 269 -32.81 -7.70 5.21
CA ALA A 269 -32.31 -7.15 6.47
C ALA A 269 -31.39 -5.94 6.26
N GLN A 270 -30.52 -6.02 5.26
CA GLN A 270 -29.61 -4.92 4.99
C GLN A 270 -30.35 -3.68 4.52
N SER A 271 -31.32 -3.87 3.63
CA SER A 271 -32.10 -2.72 3.13
C SER A 271 -32.83 -2.02 4.28
N GLU A 272 -33.44 -2.82 5.15
CA GLU A 272 -34.16 -2.31 6.31
C GLU A 272 -33.22 -1.52 7.23
N ALA A 273 -31.96 -1.96 7.31
CA ALA A 273 -30.94 -1.28 8.13
C ALA A 273 -30.51 0.04 7.47
N GLU A 274 -30.45 0.04 6.14
CA GLU A 274 -30.10 1.24 5.39
C GLU A 274 -31.20 2.24 5.72
N ALA A 275 -32.44 1.86 5.41
CA ALA A 275 -33.62 2.69 5.64
C ALA A 275 -33.67 3.27 7.05
N ALA A 276 -33.37 2.43 8.05
CA ALA A 276 -33.38 2.84 9.45
C ALA A 276 -32.22 3.72 9.90
N GLY A 277 -31.32 4.08 8.98
CA GLY A 277 -30.19 4.91 9.36
C GLY A 277 -29.05 4.23 10.13
N LYS A 278 -29.01 2.90 10.07
CA LYS A 278 -27.95 2.15 10.74
C LYS A 278 -26.63 2.30 9.95
N ILE A 279 -25.53 2.42 10.68
CA ILE A 279 -24.21 2.56 10.02
C ILE A 279 -23.72 1.19 9.56
N ILE A 280 -23.33 1.11 8.29
CA ILE A 280 -22.84 -0.15 7.74
C ILE A 280 -21.38 -0.39 8.10
N ILE A 281 -21.11 -1.56 8.70
CA ILE A 281 -19.75 -1.93 9.03
C ILE A 281 -19.39 -3.02 8.02
N LYS A 282 -18.42 -2.71 7.16
CA LYS A 282 -17.99 -3.64 6.12
C LYS A 282 -16.46 -3.76 6.17
N ASP A 283 -15.89 -4.48 5.22
CA ASP A 283 -14.43 -4.68 5.18
C ASP A 283 -13.93 -4.80 3.76
N SER A 284 -12.65 -4.47 3.58
N SER A 284 -12.66 -4.46 3.56
CA SER A 284 -12.01 -4.56 2.29
CA SER A 284 -12.02 -4.53 2.25
C SER A 284 -10.60 -5.11 2.49
C SER A 284 -10.58 -5.00 2.39
N ILE A 285 -10.19 -5.98 1.57
CA ILE A 285 -8.83 -6.53 1.59
C ILE A 285 -8.00 -5.35 1.08
N ALA A 286 -6.89 -5.07 1.76
CA ALA A 286 -6.03 -3.92 1.47
C ALA A 286 -5.61 -3.67 0.03
N ASP A 287 -5.16 -4.71 -0.69
CA ASP A 287 -4.75 -4.51 -2.08
C ASP A 287 -5.95 -4.13 -2.96
N ILE A 288 -7.10 -4.73 -2.70
N ILE A 288 -7.10 -4.74 -2.67
CA ILE A 288 -8.30 -4.42 -3.46
CA ILE A 288 -8.33 -4.46 -3.40
C ILE A 288 -8.80 -3.02 -3.08
C ILE A 288 -8.80 -3.04 -3.08
N PHE A 289 -8.65 -2.65 -1.80
CA PHE A 289 -9.05 -1.31 -1.36
C PHE A 289 -8.27 -0.24 -2.15
N LEU A 290 -6.98 -0.47 -2.36
CA LEU A 290 -6.13 0.46 -3.12
C LEU A 290 -6.64 0.66 -4.56
N GLN A 291 -7.37 -0.32 -5.09
CA GLN A 291 -7.95 -0.20 -6.42
C GLN A 291 -9.30 0.52 -6.32
N GLN A 292 -10.09 0.12 -5.33
CA GLN A 292 -11.43 0.69 -5.13
C GLN A 292 -11.50 2.17 -4.77
N ILE A 293 -10.47 2.70 -4.12
CA ILE A 293 -10.47 4.12 -3.81
C ILE A 293 -10.29 4.91 -5.11
N LEU A 294 -9.86 4.24 -6.18
CA LEU A 294 -9.72 4.91 -7.48
C LEU A 294 -10.96 4.71 -8.37
N THR A 295 -11.47 3.48 -8.40
CA THR A 295 -12.64 3.13 -9.22
C THR A 295 -14.01 3.49 -8.65
N ARG A 296 -14.14 3.44 -7.33
CA ARG A 296 -15.42 3.73 -6.67
C ARG A 296 -15.24 4.30 -5.26
N PRO A 297 -14.52 5.44 -5.13
CA PRO A 297 -14.31 6.04 -3.81
C PRO A 297 -15.58 6.49 -3.06
N ASN A 298 -16.68 6.74 -3.78
CA ASN A 298 -17.92 7.16 -3.14
C ASN A 298 -18.56 6.08 -2.26
N GLU A 299 -18.03 4.87 -2.35
CA GLU A 299 -18.52 3.76 -1.54
C GLU A 299 -17.87 3.68 -0.17
N PHE A 300 -16.94 4.60 0.12
CA PHE A 300 -16.24 4.63 1.41
C PHE A 300 -16.43 5.98 2.12
N ASP A 301 -16.55 5.92 3.44
CA ASP A 301 -16.75 7.08 4.30
C ASP A 301 -15.66 7.05 5.37
N VAL A 302 -15.92 6.35 6.48
CA VAL A 302 -14.93 6.20 7.54
C VAL A 302 -14.19 4.88 7.29
N VAL A 303 -12.88 4.91 7.47
CA VAL A 303 -12.05 3.73 7.27
C VAL A 303 -11.25 3.48 8.54
N ALA A 304 -11.26 2.24 8.99
CA ALA A 304 -10.53 1.84 10.18
C ALA A 304 -9.51 0.80 9.75
N THR A 305 -8.23 1.06 10.03
CA THR A 305 -7.21 0.10 9.65
C THR A 305 -6.01 0.09 10.58
N MET A 306 -5.06 -0.82 10.30
CA MET A 306 -3.86 -0.94 11.10
C MET A 306 -2.80 0.12 10.73
N ASN A 307 -1.72 0.15 11.50
CA ASN A 307 -0.66 1.14 11.35
C ASN A 307 -0.03 1.23 9.94
N LEU A 308 0.51 0.13 9.45
N LEU A 308 0.52 0.14 9.44
CA LEU A 308 1.16 0.10 8.14
CA LEU A 308 1.14 0.16 8.10
C LEU A 308 0.18 0.36 6.99
C LEU A 308 0.14 0.43 7.00
N ASN A 309 -0.97 -0.34 6.97
CA ASN A 309 -1.99 -0.16 5.94
C ASN A 309 -2.48 1.29 5.96
N GLY A 310 -2.68 1.84 7.16
CA GLY A 310 -3.14 3.21 7.32
C GLY A 310 -2.18 4.19 6.68
N ASP A 311 -0.88 3.94 6.86
CA ASP A 311 0.16 4.78 6.27
C ASP A 311 0.03 4.78 4.74
N TYR A 312 0.03 3.59 4.15
CA TYR A 312 -0.07 3.47 2.70
C TYR A 312 -1.36 4.03 2.12
N ILE A 313 -2.49 3.66 2.72
CA ILE A 313 -3.82 4.09 2.29
C ILE A 313 -3.99 5.60 2.32
N SER A 314 -3.53 6.20 3.41
CA SER A 314 -3.63 7.65 3.59
C SER A 314 -2.89 8.42 2.50
N ASP A 315 -1.70 7.95 2.17
CA ASP A 315 -0.90 8.60 1.15
C ASP A 315 -1.48 8.39 -0.24
N ALA A 316 -2.00 7.20 -0.52
CA ALA A 316 -2.61 6.92 -1.82
C ALA A 316 -3.84 7.84 -2.02
N LEU A 317 -4.61 8.04 -0.95
CA LEU A 317 -5.77 8.90 -1.01
C LEU A 317 -5.35 10.35 -1.17
N ALA A 318 -4.39 10.78 -0.35
CA ALA A 318 -3.91 12.15 -0.40
C ALA A 318 -3.48 12.56 -1.81
N ALA A 319 -2.84 11.64 -2.53
CA ALA A 319 -2.38 11.92 -3.89
C ALA A 319 -3.54 12.25 -4.83
N GLN A 320 -4.74 11.78 -4.51
CA GLN A 320 -5.91 12.09 -5.33
C GLN A 320 -6.38 13.53 -5.14
N VAL A 321 -6.10 14.09 -3.96
CA VAL A 321 -6.59 15.42 -3.65
C VAL A 321 -5.60 16.53 -3.31
N GLY A 322 -4.39 16.50 -3.85
CA GLY A 322 -3.44 17.56 -3.57
C GLY A 322 -2.14 17.11 -2.97
N GLY A 323 -2.14 15.92 -2.36
CA GLY A 323 -0.94 15.36 -1.78
C GLY A 323 -0.50 15.88 -0.43
N ILE A 324 0.79 15.71 -0.21
CA ILE A 324 1.49 16.09 1.01
C ILE A 324 1.41 17.59 1.36
N GLY A 325 1.47 18.45 0.35
CA GLY A 325 1.41 19.88 0.58
C GLY A 325 0.12 20.35 1.22
N ILE A 326 -0.88 19.47 1.33
CA ILE A 326 -2.14 19.88 1.92
C ILE A 326 -2.77 18.86 2.88
N ALA A 327 -2.20 17.66 2.95
CA ALA A 327 -2.75 16.61 3.83
C ALA A 327 -2.49 16.79 5.33
N PRO A 328 -3.55 16.96 6.15
CA PRO A 328 -3.36 17.12 7.59
C PRO A 328 -3.53 15.78 8.35
N GLY A 329 -3.00 15.74 9.57
CA GLY A 329 -3.11 14.56 10.40
C GLY A 329 -3.20 14.90 11.89
N ALA A 330 -3.77 14.00 12.66
CA ALA A 330 -3.87 14.21 14.08
C ALA A 330 -3.63 12.90 14.81
N ASN A 331 -2.70 12.91 15.77
CA ASN A 331 -2.40 11.74 16.59
C ASN A 331 -3.18 12.02 17.87
N ILE A 332 -4.17 11.19 18.18
CA ILE A 332 -5.02 11.46 19.32
C ILE A 332 -5.29 10.27 20.23
N ASN A 333 -5.23 10.51 21.54
CA ASN A 333 -5.61 9.47 22.49
C ASN A 333 -6.98 10.00 22.92
N TYR A 334 -8.04 9.37 22.43
CA TYR A 334 -9.40 9.83 22.74
C TYR A 334 -9.84 9.68 24.19
N GLU A 335 -9.19 8.77 24.92
CA GLU A 335 -9.51 8.54 26.32
C GLU A 335 -8.90 9.59 27.25
N THR A 336 -7.66 9.99 27.00
CA THR A 336 -6.94 10.94 27.85
C THR A 336 -6.95 12.42 27.40
N GLY A 337 -7.33 12.67 26.15
CA GLY A 337 -7.36 14.04 25.67
C GLY A 337 -6.09 14.53 24.98
N HIS A 338 -4.98 13.80 25.17
CA HIS A 338 -3.71 14.19 24.56
C HIS A 338 -3.75 14.08 23.04
N ALA A 339 -3.08 15.01 22.36
CA ALA A 339 -3.06 14.98 20.90
C ALA A 339 -1.92 15.79 20.31
N ILE A 340 -1.38 15.31 19.21
CA ILE A 340 -0.32 16.01 18.50
C ILE A 340 -0.79 16.14 17.05
N PHE A 341 -0.82 17.37 16.54
CA PHE A 341 -1.24 17.63 15.19
C PHE A 341 -0.06 17.87 14.29
N GLU A 342 -0.10 17.30 13.08
CA GLU A 342 1.03 17.40 12.17
C GLU A 342 0.69 17.11 10.72
N ALA A 343 1.60 17.51 9.82
CA ALA A 343 1.43 17.22 8.39
C ALA A 343 1.85 15.75 8.20
N THR A 344 1.39 15.09 7.14
CA THR A 344 1.76 13.68 6.89
C THR A 344 3.24 13.60 6.50
N HIS A 345 3.70 14.45 5.58
N HIS A 345 3.57 14.76 5.91
CA HIS A 345 5.10 14.31 5.22
CA HIS A 345 4.80 15.29 5.35
C HIS A 345 5.93 15.58 5.19
C HIS A 345 6.09 14.59 5.02
N GLY A 346 7.23 15.37 5.14
N GLY A 346 7.00 15.46 4.57
CA GLY A 346 8.16 16.45 5.16
CA GLY A 346 8.33 15.08 4.20
C GLY A 346 8.60 17.22 3.94
C GLY A 346 8.95 15.96 3.12
N THR A 347 9.82 16.90 3.51
CA THR A 347 10.54 17.65 2.49
C THR A 347 10.21 18.78 1.49
N ALA A 348 10.96 18.69 0.39
CA ALA A 348 11.09 19.67 -0.68
C ALA A 348 12.11 20.41 0.21
N PRO A 349 13.13 19.66 0.73
CA PRO A 349 14.19 20.17 1.62
C PRO A 349 15.16 21.10 0.94
N LYS A 350 15.11 21.09 -0.39
CA LYS A 350 15.93 21.94 -1.23
C LYS A 350 15.30 23.34 -1.18
N TYR A 351 14.11 23.43 -0.58
CA TYR A 351 13.40 24.69 -0.46
C TYR A 351 13.43 25.23 0.94
N ALA A 352 14.17 24.56 1.80
CA ALA A 352 14.34 24.94 3.18
C ALA A 352 14.87 26.37 3.25
N GLY A 353 14.07 27.25 3.84
CA GLY A 353 14.47 28.64 3.98
C GLY A 353 14.15 29.56 2.81
N LEU A 354 13.70 29.00 1.68
CA LEU A 354 13.39 29.82 0.52
C LEU A 354 11.99 30.42 0.48
N ASP A 355 11.17 30.14 1.49
CA ASP A 355 9.79 30.66 1.58
C ASP A 355 8.95 30.26 0.37
N LYS A 356 9.05 28.99 -0.01
CA LYS A 356 8.37 28.46 -1.19
C LYS A 356 7.25 27.47 -0.94
N VAL A 357 7.51 26.54 -0.03
CA VAL A 357 6.57 25.47 0.29
C VAL A 357 5.17 25.82 0.75
N ASN A 358 4.26 24.88 0.48
CA ASN A 358 2.86 24.99 0.84
C ASN A 358 2.73 24.78 2.35
N PRO A 359 2.20 25.80 3.05
CA PRO A 359 2.03 25.66 4.49
C PRO A 359 0.65 25.09 4.83
N SER A 360 -0.15 24.78 3.81
CA SER A 360 -1.51 24.24 4.01
C SER A 360 -1.65 23.01 4.86
N SER A 361 -0.73 22.06 4.76
CA SER A 361 -0.82 20.84 5.54
C SER A 361 -0.82 21.13 7.03
N VAL A 362 0.10 21.99 7.47
CA VAL A 362 0.18 22.34 8.89
C VAL A 362 -0.98 23.26 9.28
N ILE A 363 -1.42 24.10 8.36
CA ILE A 363 -2.56 24.97 8.63
C ILE A 363 -3.81 24.11 8.81
N LEU A 364 -3.99 23.11 7.95
CA LEU A 364 -5.15 22.23 8.07
C LEU A 364 -5.04 21.35 9.31
N SER A 365 -3.82 21.08 9.77
N SER A 365 -3.83 21.07 9.77
CA SER A 365 -3.62 20.29 10.97
CA SER A 365 -3.64 20.27 10.98
C SER A 365 -4.00 21.18 12.16
C SER A 365 -4.02 21.19 12.15
N GLY A 366 -3.83 22.49 11.96
CA GLY A 366 -4.16 23.48 12.98
C GLY A 366 -5.68 23.58 13.10
N VAL A 367 -6.36 23.36 11.96
CA VAL A 367 -7.82 23.34 11.94
C VAL A 367 -8.30 22.16 12.78
N LEU A 368 -7.61 21.01 12.68
CA LEU A 368 -8.00 19.84 13.48
C LEU A 368 -7.73 20.13 14.95
N LEU A 369 -6.67 20.87 15.22
CA LEU A 369 -6.32 21.24 16.58
C LEU A 369 -7.41 22.15 17.14
N LEU A 370 -7.85 23.12 16.35
CA LEU A 370 -8.90 24.05 16.78
C LEU A 370 -10.19 23.31 17.09
N GLU A 371 -10.53 22.34 16.24
CA GLU A 371 -11.72 21.53 16.46
C GLU A 371 -11.57 20.68 17.73
N HIS A 372 -10.38 20.15 17.97
CA HIS A 372 -10.13 19.35 19.15
C HIS A 372 -10.30 20.19 20.43
N LEU A 373 -9.99 21.48 20.33
CA LEU A 373 -10.12 22.40 21.47
C LEU A 373 -11.56 22.82 21.67
N GLY A 374 -12.40 22.55 20.68
CA GLY A 374 -13.79 22.95 20.78
C GLY A 374 -13.98 24.36 20.25
N TRP A 375 -12.97 24.87 19.54
CA TRP A 375 -13.01 26.21 18.96
C TRP A 375 -13.38 26.10 17.48
N ASN A 376 -14.55 25.51 17.21
CA ASN A 376 -15.02 25.26 15.85
C ASN A 376 -15.22 26.47 14.99
N GLU A 377 -15.59 27.59 15.58
CA GLU A 377 -15.78 28.80 14.78
C GLU A 377 -14.45 29.25 14.15
N ALA A 378 -13.37 29.20 14.93
CA ALA A 378 -12.04 29.59 14.43
C ALA A 378 -11.64 28.61 13.32
N ALA A 379 -11.90 27.33 13.54
CA ALA A 379 -11.57 26.27 12.59
C ALA A 379 -12.31 26.47 11.27
N ASP A 380 -13.59 26.79 11.36
CA ASP A 380 -14.40 27.00 10.17
C ASP A 380 -13.98 28.24 9.38
N LEU A 381 -13.42 29.24 10.08
CA LEU A 381 -12.93 30.46 9.45
C LEU A 381 -11.75 30.10 8.57
N VAL A 382 -10.86 29.26 9.09
CA VAL A 382 -9.70 28.81 8.33
C VAL A 382 -10.10 27.99 7.10
N ILE A 383 -11.02 27.02 7.28
CA ILE A 383 -11.47 26.18 6.16
C ILE A 383 -12.07 27.01 5.04
N LYS A 384 -13.01 27.89 5.39
CA LYS A 384 -13.67 28.77 4.42
C LYS A 384 -12.65 29.60 3.66
N SER A 385 -11.68 30.17 4.39
CA SER A 385 -10.66 30.99 3.74
C SER A 385 -9.76 30.17 2.82
N MET A 386 -9.43 28.94 3.23
CA MET A 386 -8.58 28.06 2.42
C MET A 386 -9.34 27.70 1.12
N GLU A 387 -10.64 27.44 1.25
CA GLU A 387 -11.47 27.13 0.07
C GLU A 387 -11.52 28.31 -0.88
N LYS A 388 -11.70 29.51 -0.32
N LYS A 388 -11.71 29.52 -0.34
CA LYS A 388 -11.78 30.75 -1.08
CA LYS A 388 -11.78 30.71 -1.18
C LYS A 388 -10.44 31.07 -1.77
C LYS A 388 -10.42 31.04 -1.81
N THR A 389 -9.35 30.91 -1.03
CA THR A 389 -8.01 31.20 -1.54
C THR A 389 -7.55 30.25 -2.65
N ILE A 390 -7.73 28.96 -2.45
CA ILE A 390 -7.34 27.99 -3.46
C ILE A 390 -8.18 28.16 -4.73
N ALA A 391 -9.48 28.38 -4.57
CA ALA A 391 -10.37 28.56 -5.71
C ALA A 391 -9.99 29.83 -6.51
N SER A 392 -9.50 30.85 -5.81
CA SER A 392 -9.08 32.10 -6.46
C SER A 392 -7.79 31.88 -7.26
N LYS A 393 -7.14 30.75 -7.03
CA LYS A 393 -5.91 30.36 -7.70
C LYS A 393 -4.66 31.11 -7.25
N VAL A 394 -4.70 31.66 -6.04
CA VAL A 394 -3.55 32.36 -5.46
C VAL A 394 -2.95 31.28 -4.55
N VAL A 395 -1.98 30.56 -5.09
CA VAL A 395 -1.37 29.42 -4.40
C VAL A 395 0.15 29.34 -4.50
N THR A 396 0.76 28.41 -3.77
CA THR A 396 2.21 28.23 -3.84
C THR A 396 2.57 27.42 -5.09
N TYR A 397 3.87 27.33 -5.40
CA TYR A 397 4.36 26.66 -6.61
C TYR A 397 3.90 25.22 -6.85
N ASP A 398 3.85 24.41 -5.80
CA ASP A 398 3.45 23.03 -5.98
C ASP A 398 2.10 22.93 -6.68
N PHE A 399 1.23 23.90 -6.39
CA PHE A 399 -0.08 23.96 -7.00
C PHE A 399 -0.04 24.81 -8.29
N ALA A 400 0.57 25.99 -8.18
CA ALA A 400 0.66 26.91 -9.31
C ALA A 400 1.15 26.29 -10.62
N ARG A 401 2.22 25.51 -10.57
CA ARG A 401 2.76 24.93 -11.78
C ARG A 401 1.92 23.80 -12.37
N LEU A 402 0.80 23.49 -11.71
CA LEU A 402 -0.11 22.44 -12.15
C LEU A 402 -1.45 23.03 -12.62
N MET A 403 -1.70 24.29 -12.28
N MET A 403 -1.68 24.29 -12.28
CA MET A 403 -2.94 24.94 -12.69
CA MET A 403 -2.90 25.01 -12.62
C MET A 403 -2.66 25.77 -13.93
C MET A 403 -2.65 25.98 -13.76
N ASP A 404 -3.73 26.33 -14.47
CA ASP A 404 -3.62 27.24 -15.61
C ASP A 404 -4.12 28.58 -15.12
N GLY A 405 -3.29 29.60 -15.28
CA GLY A 405 -3.67 30.93 -14.88
C GLY A 405 -3.64 31.20 -13.39
N ALA A 406 -2.84 30.42 -12.67
CA ALA A 406 -2.73 30.61 -11.23
C ALA A 406 -1.77 31.75 -10.94
N THR A 407 -1.92 32.36 -9.77
CA THR A 407 -1.02 33.43 -9.38
C THR A 407 -0.11 32.81 -8.32
N GLU A 408 1.10 32.45 -8.71
CA GLU A 408 2.05 31.83 -7.81
C GLU A 408 2.55 32.80 -6.75
N VAL A 409 2.49 32.36 -5.48
CA VAL A 409 2.93 33.17 -4.34
C VAL A 409 3.86 32.42 -3.40
N LYS A 410 4.61 33.20 -2.62
CA LYS A 410 5.53 32.66 -1.62
C LYS A 410 4.73 31.99 -0.50
N CYS A 411 5.40 31.19 0.31
CA CYS A 411 4.77 30.51 1.44
C CYS A 411 4.14 31.55 2.37
N SER A 412 4.92 32.56 2.73
CA SER A 412 4.49 33.65 3.62
C SER A 412 3.35 34.46 3.05
N GLU A 413 3.39 34.66 1.73
CA GLU A 413 2.36 35.42 1.07
C GLU A 413 1.03 34.67 0.96
N PHE A 414 1.12 33.33 0.89
CA PHE A 414 -0.09 32.51 0.83
C PHE A 414 -0.79 32.65 2.17
N GLY A 415 0.01 32.71 3.24
CA GLY A 415 -0.54 32.90 4.58
C GLY A 415 -1.28 34.22 4.69
N GLU A 416 -0.70 35.28 4.11
CA GLU A 416 -1.33 36.60 4.15
C GLU A 416 -2.61 36.66 3.31
N GLU A 417 -2.65 35.89 2.23
CA GLU A 417 -3.84 35.85 1.40
C GLU A 417 -4.97 35.16 2.18
N LEU A 418 -4.62 34.11 2.92
CA LEU A 418 -5.62 33.39 3.71
C LEU A 418 -6.25 34.28 4.77
N ILE A 419 -5.41 35.02 5.49
CA ILE A 419 -5.87 35.94 6.53
C ILE A 419 -6.76 36.98 5.89
N LYS A 420 -6.34 37.43 4.71
CA LYS A 420 -7.05 38.42 3.94
C LYS A 420 -8.44 37.88 3.61
N ASN A 421 -8.50 36.60 3.25
CA ASN A 421 -9.76 35.97 2.90
C ASN A 421 -10.66 35.49 4.03
N MET A 422 -10.26 35.74 5.28
CA MET A 422 -11.08 35.32 6.39
C MET A 422 -12.33 36.16 6.58
N ASP A 423 -13.47 35.51 6.34
CA ASP A 423 -14.81 36.10 6.49
C ASP A 423 -15.46 35.43 7.70
N MET B 1 1.33 -37.16 -21.21
CA MET B 1 0.39 -37.85 -22.14
C MET B 1 1.06 -38.26 -23.47
N ALA B 2 0.35 -39.05 -24.27
CA ALA B 2 0.82 -39.55 -25.58
C ALA B 2 1.32 -38.42 -26.48
N GLN B 3 0.39 -37.65 -27.03
CA GLN B 3 0.67 -36.50 -27.91
C GLN B 3 1.57 -35.47 -27.18
N GLY B 4 2.38 -34.72 -27.94
CA GLY B 4 3.25 -33.70 -27.36
C GLY B 4 4.58 -34.11 -26.72
N GLU B 5 5.48 -33.15 -26.52
CA GLU B 5 6.79 -33.41 -25.89
C GLU B 5 7.08 -32.44 -24.72
N LYS B 6 7.81 -32.92 -23.73
CA LYS B 6 8.14 -32.11 -22.55
C LYS B 6 9.23 -31.06 -22.79
N ILE B 7 9.03 -29.89 -22.21
CA ILE B 7 10.02 -28.83 -22.27
C ILE B 7 11.05 -29.31 -21.27
N THR B 8 12.30 -28.95 -21.51
CA THR B 8 13.33 -29.30 -20.57
C THR B 8 14.23 -28.06 -20.38
N VAL B 9 15.07 -28.09 -19.34
CA VAL B 9 15.91 -26.96 -19.01
C VAL B 9 17.36 -27.36 -18.74
N SER B 10 18.28 -26.52 -19.22
CA SER B 10 19.71 -26.73 -19.00
C SER B 10 20.22 -25.41 -18.45
N ASN B 11 20.63 -25.41 -17.19
N ASN B 11 20.58 -25.45 -17.16
CA ASN B 11 21.14 -24.18 -16.55
CA ASN B 11 21.07 -24.28 -16.41
C ASN B 11 20.12 -23.03 -16.64
C ASN B 11 20.15 -23.07 -16.56
N GLY B 12 18.89 -23.27 -16.15
CA GLY B 12 17.89 -22.22 -16.23
C GLY B 12 17.37 -21.80 -17.61
N VAL B 13 18.01 -22.29 -18.67
CA VAL B 13 17.63 -21.96 -20.05
C VAL B 13 16.69 -23.04 -20.62
N LEU B 14 15.53 -22.62 -21.11
CA LEU B 14 14.53 -23.55 -21.66
C LEU B 14 14.83 -24.18 -23.01
N ASN B 15 14.59 -25.48 -23.09
CA ASN B 15 14.73 -26.27 -24.32
C ASN B 15 13.25 -26.51 -24.71
N VAL B 16 12.73 -25.68 -25.62
CA VAL B 16 11.32 -25.79 -26.02
C VAL B 16 11.06 -26.46 -27.38
N PRO B 17 10.38 -27.61 -27.37
CA PRO B 17 10.04 -28.34 -28.59
C PRO B 17 8.96 -27.60 -29.39
N ASN B 18 8.70 -28.04 -30.61
CA ASN B 18 7.68 -27.40 -31.42
C ASN B 18 6.29 -27.81 -30.96
N ASN B 19 6.23 -28.92 -30.24
CA ASN B 19 4.98 -29.46 -29.71
C ASN B 19 5.05 -29.63 -28.18
N PRO B 20 5.26 -28.52 -27.44
CA PRO B 20 5.36 -28.58 -25.98
C PRO B 20 4.05 -28.90 -25.26
N ILE B 21 4.18 -29.68 -24.18
CA ILE B 21 3.05 -30.03 -23.32
C ILE B 21 3.04 -28.95 -22.24
N ILE B 22 1.92 -28.24 -22.12
CA ILE B 22 1.78 -27.17 -21.12
C ILE B 22 0.67 -27.46 -20.12
N PRO B 23 1.03 -27.75 -18.86
CA PRO B 23 -0.02 -28.01 -17.88
C PRO B 23 -0.88 -26.75 -17.62
N PHE B 24 -2.13 -26.95 -17.23
CA PHE B 24 -2.99 -25.83 -16.92
C PHE B 24 -3.96 -26.18 -15.81
N ILE B 25 -4.28 -25.17 -15.01
CA ILE B 25 -5.24 -25.28 -13.91
C ILE B 25 -6.35 -24.37 -14.35
N GLU B 26 -7.56 -24.91 -14.50
CA GLU B 26 -8.69 -24.11 -14.94
C GLU B 26 -9.07 -22.97 -14.04
N GLY B 27 -8.99 -23.19 -12.74
CA GLY B 27 -9.37 -22.16 -11.79
C GLY B 27 -10.82 -22.35 -11.38
N ASP B 28 -11.20 -21.72 -10.27
CA ASP B 28 -12.57 -21.82 -9.77
C ASP B 28 -13.42 -20.67 -10.26
N GLY B 29 -14.72 -20.72 -9.95
CA GLY B 29 -15.64 -19.66 -10.39
C GLY B 29 -15.71 -19.50 -11.89
N THR B 30 -15.27 -18.34 -12.36
CA THR B 30 -15.25 -18.02 -13.78
C THR B 30 -14.06 -18.65 -14.56
N GLY B 31 -13.17 -19.32 -13.84
CA GLY B 31 -12.00 -19.94 -14.45
C GLY B 31 -12.29 -20.74 -15.72
N PRO B 32 -13.19 -21.74 -15.67
CA PRO B 32 -13.55 -22.57 -16.82
C PRO B 32 -14.00 -21.76 -18.05
N ASP B 33 -14.79 -20.71 -17.83
CA ASP B 33 -15.27 -19.85 -18.93
C ASP B 33 -14.09 -19.13 -19.59
N ILE B 34 -13.23 -18.57 -18.74
CA ILE B 34 -12.06 -17.86 -19.23
C ILE B 34 -11.13 -18.82 -19.96
N TRP B 35 -10.91 -20.00 -19.39
CA TRP B 35 -10.02 -20.96 -20.01
C TRP B 35 -10.44 -21.38 -21.43
N ASN B 36 -11.74 -21.58 -21.62
CA ASN B 36 -12.24 -21.98 -22.94
C ASN B 36 -11.88 -20.94 -24.00
N ALA B 37 -12.03 -19.66 -23.65
CA ALA B 37 -11.72 -18.57 -24.56
C ALA B 37 -10.22 -18.35 -24.73
N ALA B 38 -9.51 -18.28 -23.60
CA ALA B 38 -8.07 -18.03 -23.60
C ALA B 38 -7.25 -19.09 -24.33
N SER B 39 -7.50 -20.35 -24.02
CA SER B 39 -6.78 -21.46 -24.66
C SER B 39 -6.88 -21.38 -26.19
N LYS B 40 -8.07 -21.08 -26.70
N LYS B 40 -8.09 -21.09 -26.69
CA LYS B 40 -8.29 -20.99 -28.14
CA LYS B 40 -8.32 -20.99 -28.12
C LYS B 40 -7.64 -19.78 -28.77
C LYS B 40 -7.58 -19.80 -28.73
N VAL B 41 -7.59 -18.67 -28.04
CA VAL B 41 -6.94 -17.47 -28.55
C VAL B 41 -5.44 -17.78 -28.69
N LEU B 42 -4.86 -18.36 -27.65
CA LEU B 42 -3.44 -18.70 -27.64
C LEU B 42 -3.08 -19.70 -28.74
N GLU B 43 -3.94 -20.71 -28.92
CA GLU B 43 -3.74 -21.74 -29.95
C GLU B 43 -3.76 -21.10 -31.34
N ALA B 44 -4.72 -20.21 -31.56
CA ALA B 44 -4.85 -19.53 -32.84
C ALA B 44 -3.59 -18.73 -33.17
N ALA B 45 -3.05 -18.03 -32.18
CA ALA B 45 -1.84 -17.24 -32.36
C ALA B 45 -0.66 -18.10 -32.75
N VAL B 46 -0.55 -19.27 -32.12
CA VAL B 46 0.53 -20.20 -32.40
C VAL B 46 0.44 -20.76 -33.85
N GLU B 47 -0.74 -21.19 -34.27
CA GLU B 47 -0.91 -21.72 -35.63
C GLU B 47 -0.72 -20.64 -36.69
N LYS B 48 -1.24 -19.44 -36.45
CA LYS B 48 -1.10 -18.35 -37.42
C LYS B 48 0.33 -17.84 -37.55
N ALA B 49 1.04 -17.72 -36.42
CA ALA B 49 2.42 -17.23 -36.45
C ALA B 49 3.42 -18.21 -37.02
N TYR B 50 3.24 -19.50 -36.72
CA TYR B 50 4.18 -20.50 -37.18
C TYR B 50 3.69 -21.48 -38.27
N LYS B 51 2.60 -21.10 -38.92
CA LYS B 51 2.01 -21.88 -40.01
C LYS B 51 1.95 -23.40 -39.79
N GLY B 52 1.56 -23.79 -38.58
CA GLY B 52 1.42 -25.20 -38.25
C GLY B 52 2.67 -25.90 -37.77
N GLU B 53 3.83 -25.24 -37.86
CA GLU B 53 5.08 -25.84 -37.41
C GLU B 53 5.11 -26.10 -35.89
N LYS B 54 4.39 -25.27 -35.13
CA LYS B 54 4.32 -25.41 -33.68
C LYS B 54 2.88 -25.63 -33.23
N LYS B 55 2.72 -26.21 -32.04
CA LYS B 55 1.42 -26.49 -31.47
C LYS B 55 1.56 -26.85 -30.01
N ILE B 56 0.65 -26.32 -29.19
CA ILE B 56 0.66 -26.61 -27.78
C ILE B 56 -0.29 -27.77 -27.45
N THR B 57 0.15 -28.63 -26.54
CA THR B 57 -0.66 -29.73 -26.09
C THR B 57 -0.94 -29.39 -24.63
N TRP B 58 -2.19 -29.08 -24.32
CA TRP B 58 -2.53 -28.74 -22.95
C TRP B 58 -2.66 -30.01 -22.12
N LYS B 59 -2.34 -29.90 -20.83
CA LYS B 59 -2.43 -31.04 -19.92
C LYS B 59 -3.04 -30.54 -18.60
N GLU B 60 -4.31 -30.89 -18.35
CA GLU B 60 -4.98 -30.47 -17.13
C GLU B 60 -4.47 -31.09 -15.82
N VAL B 61 -4.26 -30.21 -14.85
CA VAL B 61 -3.86 -30.60 -13.50
C VAL B 61 -4.90 -29.88 -12.62
N TYR B 62 -5.11 -30.37 -11.41
CA TYR B 62 -6.13 -29.79 -10.55
C TYR B 62 -5.68 -29.05 -9.30
N ALA B 63 -6.46 -28.04 -8.93
CA ALA B 63 -6.20 -27.26 -7.73
C ALA B 63 -7.47 -26.49 -7.40
N GLY B 64 -7.70 -26.23 -6.11
CA GLY B 64 -8.89 -25.51 -5.69
C GLY B 64 -10.14 -26.34 -5.59
N GLU B 65 -11.29 -25.70 -5.79
CA GLU B 65 -12.59 -26.38 -5.71
C GLU B 65 -12.65 -27.66 -6.55
N LYS B 66 -12.26 -27.56 -7.82
CA LYS B 66 -12.28 -28.71 -8.73
C LYS B 66 -11.45 -29.89 -8.20
N ALA B 67 -10.28 -29.59 -7.62
CA ALA B 67 -9.42 -30.62 -7.07
C ALA B 67 -10.02 -31.23 -5.79
N TYR B 68 -10.60 -30.39 -4.94
CA TYR B 68 -11.20 -30.90 -3.71
C TYR B 68 -12.32 -31.87 -4.03
N ASN B 69 -13.19 -31.45 -4.95
CA ASN B 69 -14.32 -32.24 -5.38
C ASN B 69 -13.93 -33.52 -6.10
N LYS B 70 -12.82 -33.49 -6.81
CA LYS B 70 -12.35 -34.64 -7.57
C LYS B 70 -11.43 -35.59 -6.79
N THR B 71 -10.63 -35.07 -5.86
CA THR B 71 -9.68 -35.91 -5.13
C THR B 71 -9.73 -35.79 -3.60
N GLY B 72 -10.51 -34.84 -3.09
CA GLY B 72 -10.58 -34.65 -1.65
C GLY B 72 -9.43 -33.81 -1.12
N GLU B 73 -8.60 -33.28 -2.02
CA GLU B 73 -7.46 -32.44 -1.68
C GLU B 73 -7.52 -31.12 -2.44
N TRP B 74 -7.12 -30.02 -1.80
CA TRP B 74 -7.16 -28.71 -2.45
C TRP B 74 -6.01 -28.46 -3.40
N LEU B 75 -4.87 -29.08 -3.10
CA LEU B 75 -3.66 -28.96 -3.93
C LEU B 75 -2.97 -30.31 -3.94
N PRO B 76 -3.41 -31.22 -4.82
CA PRO B 76 -2.81 -32.56 -4.92
C PRO B 76 -1.29 -32.53 -5.13
N ALA B 77 -0.58 -33.46 -4.50
CA ALA B 77 0.88 -33.55 -4.65
C ALA B 77 1.21 -33.74 -6.12
N GLU B 78 0.32 -34.45 -6.81
CA GLU B 78 0.39 -34.76 -8.23
C GLU B 78 0.46 -33.48 -9.08
N THR B 79 -0.28 -32.45 -8.68
CA THR B 79 -0.27 -31.18 -9.40
C THR B 79 1.11 -30.50 -9.32
N LEU B 80 1.68 -30.48 -8.11
CA LEU B 80 3.01 -29.91 -7.91
C LEU B 80 4.07 -30.71 -8.64
N ASP B 81 3.95 -32.03 -8.62
CA ASP B 81 4.91 -32.89 -9.32
C ASP B 81 4.88 -32.64 -10.82
N VAL B 82 3.67 -32.51 -11.38
CA VAL B 82 3.52 -32.26 -12.80
C VAL B 82 4.12 -30.91 -13.15
N ILE B 83 3.88 -29.88 -12.35
CA ILE B 83 4.47 -28.58 -12.67
C ILE B 83 6.00 -28.60 -12.56
N ARG B 84 6.52 -29.32 -11.57
CA ARG B 84 7.96 -29.45 -11.38
C ARG B 84 8.61 -30.13 -12.58
N GLU B 85 7.94 -31.15 -13.09
CA GLU B 85 8.43 -31.93 -14.21
C GLU B 85 8.29 -31.29 -15.61
N TYR B 86 7.17 -30.63 -15.85
CA TYR B 86 6.92 -30.00 -17.15
C TYR B 86 7.32 -28.52 -17.21
N PHE B 87 7.76 -27.99 -16.07
CA PHE B 87 8.27 -26.62 -15.93
C PHE B 87 7.38 -25.37 -16.05
N ILE B 88 6.60 -25.31 -17.13
CA ILE B 88 5.77 -24.15 -17.45
C ILE B 88 4.28 -24.46 -17.41
N ALA B 89 3.52 -23.72 -16.60
CA ALA B 89 2.07 -23.92 -16.48
C ALA B 89 1.30 -22.62 -16.49
N ILE B 90 0.01 -22.69 -16.81
CA ILE B 90 -0.85 -21.50 -16.82
C ILE B 90 -2.07 -21.81 -15.96
N LYS B 91 -2.51 -20.84 -15.19
CA LYS B 91 -3.63 -21.09 -14.30
C LYS B 91 -4.61 -19.95 -14.14
N GLY B 92 -5.87 -20.37 -13.97
CA GLY B 92 -6.94 -19.42 -13.75
C GLY B 92 -7.01 -19.13 -12.25
N PRO B 93 -8.03 -18.38 -11.82
CA PRO B 93 -8.26 -18.00 -10.41
C PRO B 93 -8.56 -19.13 -9.41
N LEU B 94 -7.99 -19.02 -8.20
CA LEU B 94 -8.19 -19.99 -7.11
C LEU B 94 -8.76 -19.39 -5.80
N THR B 95 -9.56 -20.11 -5.00
N THR B 95 -9.25 -20.39 -5.04
CA THR B 95 -10.06 -19.42 -3.80
CA THR B 95 -9.94 -20.54 -3.73
C THR B 95 -9.32 -19.54 -2.45
C THR B 95 -10.01 -19.75 -2.38
N THR B 96 -9.21 -18.40 -1.74
N THR B 96 -10.18 -20.59 -1.35
CA THR B 96 -8.51 -18.30 -0.43
CA THR B 96 -10.36 -20.41 0.11
C THR B 96 -9.34 -17.73 0.75
C THR B 96 -9.13 -19.86 0.89
N PRO B 97 -9.58 -18.55 1.81
N PRO B 97 -9.31 -18.90 1.87
CA PRO B 97 -10.35 -18.08 2.96
CA PRO B 97 -10.24 -18.03 2.65
C PRO B 97 -9.57 -17.10 3.84
C PRO B 97 -9.53 -16.84 3.46
N VAL B 98 -10.28 -16.07 4.27
CA VAL B 98 -9.73 -14.97 5.12
C VAL B 98 -9.81 -15.31 6.64
N GLY B 99 -8.90 -14.74 7.43
CA GLY B 99 -8.89 -14.97 8.88
C GLY B 99 -8.70 -16.40 9.39
N GLY B 100 -8.78 -17.37 8.47
CA GLY B 100 -8.61 -18.77 8.84
C GLY B 100 -8.55 -19.70 7.65
N GLY B 101 -8.80 -20.99 7.89
CA GLY B 101 -8.78 -22.00 6.85
C GLY B 101 -7.35 -22.40 6.47
N ILE B 102 -7.21 -23.11 5.35
CA ILE B 102 -5.87 -23.52 4.88
C ILE B 102 -5.23 -22.25 4.32
N ARG B 103 -3.91 -22.25 4.23
CA ARG B 103 -3.26 -21.08 3.68
C ARG B 103 -3.42 -21.04 2.16
N SER B 104 -3.41 -19.82 1.63
CA SER B 104 -3.55 -19.55 0.21
C SER B 104 -2.93 -20.62 -0.70
N LEU B 105 -3.74 -21.15 -1.62
CA LEU B 105 -3.24 -22.15 -2.57
C LEU B 105 -2.28 -21.50 -3.55
N ASN B 106 -2.55 -20.23 -3.87
CA ASN B 106 -1.72 -19.46 -4.77
C ASN B 106 -0.31 -19.33 -4.21
N VAL B 107 -0.25 -19.00 -2.92
CA VAL B 107 1.03 -18.84 -2.23
C VAL B 107 1.74 -20.19 -2.07
N ALA B 108 0.97 -21.25 -1.83
CA ALA B 108 1.54 -22.60 -1.69
C ALA B 108 2.31 -22.97 -2.96
N LEU B 109 1.73 -22.69 -4.12
CA LEU B 109 2.38 -22.97 -5.39
C LEU B 109 3.67 -22.17 -5.53
N ARG B 110 3.61 -20.89 -5.20
CA ARG B 110 4.78 -20.01 -5.30
C ARG B 110 5.93 -20.49 -4.41
N GLN B 111 5.59 -20.83 -3.19
CA GLN B 111 6.59 -21.26 -2.23
C GLN B 111 7.15 -22.64 -2.49
N GLU B 112 6.26 -23.61 -2.70
CA GLU B 112 6.68 -24.99 -2.95
C GLU B 112 7.51 -25.17 -4.21
N LEU B 113 7.28 -24.31 -5.20
CA LEU B 113 8.03 -24.36 -6.45
C LEU B 113 9.12 -23.28 -6.48
N ASP B 114 9.23 -22.52 -5.40
CA ASP B 114 10.25 -21.47 -5.25
C ASP B 114 10.28 -20.48 -6.44
N LEU B 115 9.09 -20.04 -6.86
CA LEU B 115 8.94 -19.13 -7.98
C LEU B 115 9.13 -17.75 -7.38
N PHE B 116 10.40 -17.42 -7.15
CA PHE B 116 10.79 -16.18 -6.48
C PHE B 116 10.44 -14.83 -7.09
N VAL B 117 10.13 -14.80 -8.37
CA VAL B 117 9.77 -13.55 -9.00
C VAL B 117 8.31 -13.50 -9.40
N LEU B 119 6.21 -11.36 -11.62
CA LEU B 119 6.37 -10.36 -12.65
C LEU B 119 5.02 -9.78 -13.02
N ARG B 120 4.88 -8.47 -12.83
CA ARG B 120 3.64 -7.77 -13.13
C ARG B 120 3.83 -6.57 -14.03
N PRO B 121 3.72 -6.76 -15.36
CA PRO B 121 3.88 -5.63 -16.26
C PRO B 121 2.56 -4.85 -16.31
N VAL B 122 2.67 -3.54 -16.25
CA VAL B 122 1.49 -2.70 -16.29
C VAL B 122 1.63 -1.65 -17.37
N ARG B 123 0.66 -1.63 -18.28
CA ARG B 123 0.65 -0.66 -19.38
C ARG B 123 -0.79 -0.27 -19.66
N TYR B 124 -0.98 0.76 -20.47
CA TYR B 124 -2.32 1.18 -20.82
C TYR B 124 -2.69 0.70 -22.23
N PHE B 125 -3.94 0.27 -22.39
CA PHE B 125 -4.45 -0.16 -23.71
C PHE B 125 -5.45 0.93 -24.12
N THR B 126 -5.20 1.56 -25.26
CA THR B 126 -6.08 2.61 -25.78
C THR B 126 -7.52 2.10 -25.86
N GLY B 127 -8.44 2.90 -25.31
CA GLY B 127 -9.84 2.52 -25.30
C GLY B 127 -10.33 2.11 -23.93
N VAL B 128 -9.44 1.56 -23.09
CA VAL B 128 -9.83 1.13 -21.74
C VAL B 128 -10.25 2.31 -20.86
N PRO B 129 -11.44 2.22 -20.23
CA PRO B 129 -11.88 3.32 -19.37
C PRO B 129 -11.00 3.35 -18.13
N SER B 130 -10.54 4.54 -17.77
CA SER B 130 -9.67 4.71 -16.62
C SER B 130 -10.13 5.84 -15.71
N PRO B 131 -9.84 5.72 -14.41
CA PRO B 131 -10.22 6.74 -13.41
C PRO B 131 -9.20 7.91 -13.33
N VAL B 132 -8.07 7.78 -14.02
CA VAL B 132 -7.07 8.85 -13.97
C VAL B 132 -7.03 9.57 -15.29
N LYS B 133 -6.50 10.78 -15.27
CA LYS B 133 -6.43 11.61 -16.47
C LYS B 133 -5.47 11.14 -17.55
N ARG B 134 -4.28 10.71 -17.13
CA ARG B 134 -3.26 10.28 -18.07
C ARG B 134 -2.75 8.87 -17.85
N PRO B 135 -3.62 7.88 -18.06
CA PRO B 135 -3.20 6.48 -17.85
C PRO B 135 -2.07 6.07 -18.79
N GLU B 136 -1.95 6.74 -19.94
CA GLU B 136 -0.91 6.44 -20.94
C GLU B 136 0.51 6.70 -20.43
N ASP B 137 0.63 7.46 -19.34
CA ASP B 137 1.93 7.76 -18.76
C ASP B 137 2.48 6.61 -17.91
N THR B 138 1.64 5.60 -17.68
CA THR B 138 2.02 4.44 -16.90
C THR B 138 2.50 3.30 -17.81
N ASP B 139 3.74 2.88 -17.61
CA ASP B 139 4.31 1.77 -18.36
C ASP B 139 5.44 1.31 -17.46
N MET B 140 5.15 0.32 -16.63
CA MET B 140 6.11 -0.19 -15.67
C MET B 140 6.09 -1.70 -15.63
N VAL B 141 7.15 -2.27 -15.09
CA VAL B 141 7.24 -3.71 -14.92
C VAL B 141 7.65 -3.97 -13.47
N ILE B 142 6.75 -4.59 -12.73
CA ILE B 142 6.99 -4.87 -11.33
C ILE B 142 7.60 -6.23 -11.05
N PHE B 143 8.73 -6.22 -10.33
CA PHE B 143 9.42 -7.42 -9.88
C PHE B 143 9.18 -7.48 -8.39
N ARG B 144 8.27 -8.35 -8.02
CA ARG B 144 7.86 -8.53 -6.63
C ARG B 144 8.46 -9.82 -6.07
N GLU B 145 9.21 -9.70 -4.98
CA GLU B 145 9.83 -10.87 -4.34
C GLU B 145 8.64 -11.76 -3.96
N ASN B 146 8.73 -13.03 -4.30
CA ASN B 146 7.62 -13.96 -4.14
C ASN B 146 7.77 -15.14 -3.18
N THR B 147 8.83 -15.18 -2.37
CA THR B 147 9.02 -16.31 -1.47
C THR B 147 9.23 -16.03 0.02
N GLU B 148 9.40 -14.76 0.38
CA GLU B 148 9.59 -14.44 1.79
C GLU B 148 8.70 -13.27 2.22
N ASP B 149 9.19 -12.44 3.14
CA ASP B 149 8.41 -11.31 3.69
C ASP B 149 7.32 -11.93 4.59
N ILE B 150 6.35 -11.12 4.98
CA ILE B 150 5.28 -11.56 5.87
C ILE B 150 4.46 -12.71 5.27
N TYR B 151 4.58 -12.93 3.96
CA TYR B 151 3.88 -14.03 3.28
C TYR B 151 4.40 -15.40 3.68
N ALA B 152 5.51 -15.44 4.42
CA ALA B 152 6.09 -16.70 4.88
C ALA B 152 5.02 -17.53 5.63
N GLY B 153 4.01 -16.83 6.16
CA GLY B 153 2.94 -17.48 6.88
C GLY B 153 3.34 -17.95 8.25
N ILE B 154 4.26 -17.20 8.88
CA ILE B 154 4.75 -17.52 10.20
C ILE B 154 4.01 -16.55 11.17
N GLU B 155 3.02 -17.08 11.88
CA GLU B 155 2.22 -16.27 12.78
C GLU B 155 1.53 -17.12 13.84
N TYR B 156 1.22 -16.48 14.96
CA TYR B 156 0.61 -17.15 16.11
C TYR B 156 -0.55 -16.35 16.62
N ALA B 157 -1.63 -17.08 16.92
CA ALA B 157 -2.87 -16.48 17.36
C ALA B 157 -2.92 -16.04 18.80
N LYS B 158 -3.62 -14.94 19.04
CA LYS B 158 -3.84 -14.42 20.38
C LYS B 158 -4.47 -15.60 21.17
N GLY B 159 -3.98 -15.85 22.38
CA GLY B 159 -4.51 -16.92 23.20
C GLY B 159 -3.90 -18.29 23.04
N SER B 160 -3.03 -18.46 22.04
CA SER B 160 -2.39 -19.75 21.79
C SER B 160 -1.18 -19.93 22.69
N GLU B 161 -0.83 -21.18 22.97
CA GLU B 161 0.34 -21.38 23.83
C GLU B 161 1.60 -20.97 23.08
N GLU B 162 1.56 -21.06 21.74
CA GLU B 162 2.71 -20.69 20.90
C GLU B 162 3.00 -19.19 20.93
N VAL B 163 1.96 -18.35 20.87
CA VAL B 163 2.20 -16.91 20.92
C VAL B 163 2.73 -16.53 22.30
N GLN B 164 2.26 -17.25 23.31
CA GLN B 164 2.69 -17.02 24.68
C GLN B 164 4.17 -17.38 24.80
N LYS B 165 4.58 -18.49 24.19
CA LYS B 165 5.99 -18.92 24.19
C LYS B 165 6.85 -17.89 23.49
N LEU B 166 6.39 -17.44 22.33
CA LEU B 166 7.12 -16.44 21.55
C LEU B 166 7.27 -15.14 22.32
N ILE B 167 6.18 -14.63 22.89
CA ILE B 167 6.24 -13.38 23.65
C ILE B 167 7.16 -13.51 24.86
N SER B 168 7.11 -14.65 25.53
N SER B 168 7.11 -14.66 25.53
CA SER B 168 7.95 -14.87 26.69
CA SER B 168 7.94 -14.93 26.70
C SER B 168 9.40 -14.82 26.25
C SER B 168 9.42 -14.96 26.32
N PHE B 169 9.72 -15.46 25.13
CA PHE B 169 11.09 -15.48 24.63
C PHE B 169 11.54 -14.04 24.29
N LEU B 170 10.70 -13.30 23.57
CA LEU B 170 11.03 -11.93 23.20
C LEU B 170 11.26 -11.05 24.43
N GLN B 171 10.37 -11.17 25.41
CA GLN B 171 10.46 -10.39 26.64
C GLN B 171 11.61 -10.77 27.56
N ASN B 172 11.76 -12.07 27.81
CA ASN B 172 12.78 -12.57 28.75
C ASN B 172 14.17 -12.78 28.20
N GLU B 173 14.27 -13.14 26.93
N GLU B 173 14.28 -13.17 26.94
CA GLU B 173 15.57 -13.39 26.31
CA GLU B 173 15.60 -13.39 26.34
C GLU B 173 16.09 -12.19 25.54
C GLU B 173 16.10 -12.21 25.51
N LEU B 174 15.19 -11.45 24.91
CA LEU B 174 15.59 -10.29 24.12
C LEU B 174 15.22 -8.95 24.74
N ASN B 175 14.65 -8.98 25.94
CA ASN B 175 14.23 -7.78 26.68
C ASN B 175 13.37 -6.83 25.89
N VAL B 176 12.45 -7.38 25.11
CA VAL B 176 11.55 -6.57 24.31
C VAL B 176 10.47 -5.95 25.19
N ASN B 177 10.34 -4.63 25.08
CA ASN B 177 9.39 -3.87 25.87
C ASN B 177 8.48 -3.03 24.99
N LYS B 178 8.57 -3.23 23.68
CA LYS B 178 7.78 -2.47 22.73
C LYS B 178 6.40 -3.04 22.35
N ILE B 179 6.04 -4.21 22.86
CA ILE B 179 4.72 -4.80 22.57
C ILE B 179 3.72 -4.09 23.47
N ARG B 180 2.87 -3.26 22.87
CA ARG B 180 1.89 -2.46 23.59
C ARG B 180 0.88 -3.25 24.43
N PHE B 181 0.29 -4.29 23.85
CA PHE B 181 -0.70 -5.11 24.55
C PHE B 181 -0.32 -6.58 24.43
N PRO B 182 0.71 -7.02 25.18
CA PRO B 182 1.15 -8.41 25.11
C PRO B 182 0.18 -9.52 25.49
N GLU B 183 -0.83 -9.20 26.30
CA GLU B 183 -1.80 -10.22 26.74
C GLU B 183 -2.87 -10.56 25.69
N THR B 184 -3.07 -9.69 24.70
CA THR B 184 -4.10 -9.91 23.69
C THR B 184 -3.58 -9.79 22.26
N SER B 185 -2.27 -9.99 22.11
CA SER B 185 -1.64 -9.88 20.81
C SER B 185 -1.47 -11.16 20.00
N GLY B 186 -1.75 -11.04 18.72
CA GLY B 186 -1.46 -12.10 17.78
C GLY B 186 -0.09 -11.59 17.27
N ILE B 187 0.80 -12.49 16.84
CA ILE B 187 2.12 -12.07 16.37
C ILE B 187 2.51 -12.67 15.02
N GLY B 188 3.01 -11.82 14.12
CA GLY B 188 3.46 -12.28 12.81
C GLY B 188 4.97 -12.08 12.70
N ILE B 189 5.62 -12.92 11.90
CA ILE B 189 7.07 -12.86 11.68
C ILE B 189 7.38 -12.50 10.23
N LYS B 190 8.19 -11.46 10.04
CA LYS B 190 8.56 -10.95 8.70
C LYS B 190 10.04 -11.16 8.33
N PRO B 191 10.35 -12.22 7.56
CA PRO B 191 11.76 -12.41 7.17
C PRO B 191 12.08 -11.81 5.80
N VAL B 192 13.19 -11.08 5.71
CA VAL B 192 13.65 -10.50 4.45
C VAL B 192 15.16 -10.76 4.45
N SER B 193 15.67 -11.39 3.38
CA SER B 193 17.07 -11.79 3.33
C SER B 193 17.93 -11.25 2.20
N GLU B 194 19.23 -11.38 2.38
CA GLU B 194 20.19 -10.93 1.37
C GLU B 194 20.06 -11.86 0.16
N GLU B 195 19.92 -13.17 0.43
CA GLU B 195 19.78 -14.17 -0.64
C GLU B 195 18.50 -13.94 -1.45
N GLY B 196 17.39 -13.72 -0.76
CA GLY B 196 16.11 -13.48 -1.41
C GLY B 196 16.07 -12.19 -2.19
N THR B 197 16.66 -11.15 -1.60
CA THR B 197 16.71 -9.84 -2.23
C THR B 197 17.60 -9.89 -3.47
N SER B 198 18.79 -10.48 -3.32
CA SER B 198 19.74 -10.56 -4.43
C SER B 198 19.20 -11.23 -5.69
N ARG B 199 18.58 -12.41 -5.55
CA ARG B 199 18.05 -13.08 -6.72
C ARG B 199 16.91 -12.30 -7.38
N LEU B 200 16.08 -11.62 -6.58
CA LEU B 200 14.98 -10.83 -7.11
C LEU B 200 15.53 -9.61 -7.85
N VAL B 201 16.43 -8.84 -7.21
CA VAL B 201 16.98 -7.64 -7.84
C VAL B 201 17.79 -7.99 -9.08
N ARG B 202 18.51 -9.11 -9.03
CA ARG B 202 19.29 -9.58 -10.17
C ARG B 202 18.36 -9.78 -11.38
N ALA B 203 17.23 -10.45 -11.16
CA ALA B 203 16.25 -10.65 -12.24
C ALA B 203 15.70 -9.32 -12.75
N ALA B 204 15.47 -8.37 -11.84
CA ALA B 204 14.95 -7.06 -12.22
C ALA B 204 15.93 -6.31 -13.10
N ILE B 205 17.20 -6.34 -12.72
CA ILE B 205 18.24 -5.65 -13.48
C ILE B 205 18.47 -6.33 -14.83
N ASP B 206 18.55 -7.66 -14.82
CA ASP B 206 18.72 -8.42 -16.05
C ASP B 206 17.62 -8.06 -17.06
N TYR B 207 16.39 -7.94 -16.55
CA TYR B 207 15.25 -7.57 -17.39
C TYR B 207 15.40 -6.15 -17.94
N ALA B 208 15.84 -5.21 -17.09
CA ALA B 208 16.02 -3.82 -17.53
C ALA B 208 17.07 -3.75 -18.67
N ILE B 209 18.14 -4.51 -18.53
CA ILE B 209 19.20 -4.55 -19.53
C ILE B 209 18.69 -5.12 -20.86
N GLU B 210 18.10 -6.32 -20.80
CA GLU B 210 17.59 -7.00 -21.98
C GLU B 210 16.50 -6.26 -22.76
N HIS B 211 15.68 -5.49 -22.05
CA HIS B 211 14.58 -4.74 -22.66
C HIS B 211 14.80 -3.24 -22.81
N GLY B 212 16.01 -2.78 -22.55
CA GLY B 212 16.32 -1.37 -22.71
C GLY B 212 15.53 -0.40 -21.83
N ARG B 213 15.19 -0.86 -20.63
CA ARG B 213 14.46 -0.06 -19.65
C ARG B 213 15.48 0.90 -18.99
N LYS B 214 15.05 2.13 -18.72
CA LYS B 214 15.92 3.18 -18.18
C LYS B 214 16.31 3.18 -16.71
N SER B 215 15.50 2.55 -15.86
CA SER B 215 15.80 2.53 -14.44
C SER B 215 15.12 1.40 -13.70
N VAL B 216 15.64 1.09 -12.52
CA VAL B 216 15.07 0.09 -11.62
C VAL B 216 14.90 0.87 -10.31
N THR B 217 13.68 0.87 -9.80
CA THR B 217 13.41 1.57 -8.54
C THR B 217 13.16 0.56 -7.43
N LEU B 218 13.99 0.62 -6.38
CA LEU B 218 13.86 -0.25 -5.21
C LEU B 218 12.83 0.41 -4.28
N VAL B 219 11.70 -0.28 -4.01
CA VAL B 219 10.65 0.29 -3.15
C VAL B 219 10.63 -0.40 -1.80
N HIS B 220 10.66 0.40 -0.75
CA HIS B 220 10.76 -0.14 0.61
C HIS B 220 10.22 0.86 1.63
N LYS B 221 10.00 0.39 2.85
CA LYS B 221 9.54 1.25 3.95
C LYS B 221 10.67 1.09 4.98
N GLY B 222 11.88 1.40 4.50
CA GLY B 222 13.09 1.26 5.28
C GLY B 222 13.39 2.19 6.44
N ASN B 223 12.59 3.24 6.59
CA ASN B 223 12.80 4.15 7.71
C ASN B 223 12.23 3.52 8.99
N ILE B 224 11.10 2.83 8.83
CA ILE B 224 10.41 2.16 9.95
C ILE B 224 10.89 0.71 10.13
N MET B 225 11.03 -0.04 9.03
N MET B 225 11.01 -0.01 9.02
CA MET B 225 11.48 -1.44 9.10
CA MET B 225 11.50 -1.39 9.05
C MET B 225 12.92 -1.47 8.58
C MET B 225 12.91 -1.31 8.52
N LYS B 226 13.83 -0.99 9.42
CA LYS B 226 15.24 -0.84 9.08
C LYS B 226 16.02 -2.09 8.66
N PHE B 227 15.78 -3.20 9.35
CA PHE B 227 16.51 -4.43 9.13
C PHE B 227 15.93 -5.46 8.18
N THR B 228 14.79 -5.10 7.60
CA THR B 228 14.14 -5.95 6.62
C THR B 228 14.00 -5.13 5.33
N GLU B 229 13.09 -4.16 5.32
CA GLU B 229 12.91 -3.35 4.14
C GLU B 229 14.09 -2.40 3.85
N GLY B 230 14.68 -1.85 4.91
CA GLY B 230 15.84 -0.98 4.76
C GLY B 230 17.00 -1.83 4.25
N ALA B 231 17.13 -3.04 4.78
CA ALA B 231 18.17 -3.98 4.36
C ALA B 231 17.98 -4.34 2.87
N PHE B 232 16.72 -4.52 2.45
CA PHE B 232 16.40 -4.81 1.07
C PHE B 232 16.99 -3.72 0.16
N LYS B 233 16.78 -2.45 0.52
CA LYS B 233 17.30 -1.33 -0.25
C LYS B 233 18.82 -1.40 -0.37
N ASN B 234 19.51 -1.63 0.74
CA ASN B 234 20.97 -1.70 0.74
C ASN B 234 21.47 -2.92 -0.01
N TRP B 235 20.85 -4.08 0.21
CA TRP B 235 21.25 -5.30 -0.51
C TRP B 235 21.07 -5.14 -2.03
N GLY B 236 20.03 -4.42 -2.43
CA GLY B 236 19.75 -4.17 -3.83
C GLY B 236 20.80 -3.28 -4.48
N TYR B 237 21.18 -2.20 -3.79
CA TYR B 237 22.21 -1.28 -4.30
C TYR B 237 23.56 -2.02 -4.40
N GLU B 238 23.84 -2.81 -3.37
CA GLU B 238 25.08 -3.58 -3.31
C GLU B 238 25.16 -4.57 -4.46
N LEU B 239 24.06 -5.27 -4.73
CA LEU B 239 24.05 -6.23 -5.84
C LEU B 239 24.30 -5.50 -7.15
N ALA B 240 23.55 -4.43 -7.37
CA ALA B 240 23.64 -3.63 -8.57
C ALA B 240 25.08 -3.25 -8.88
N GLU B 241 25.79 -2.75 -7.87
CA GLU B 241 27.18 -2.33 -8.05
C GLU B 241 28.17 -3.49 -8.21
N LYS B 242 28.00 -4.54 -7.40
CA LYS B 242 28.84 -5.72 -7.41
C LYS B 242 28.78 -6.51 -8.73
N GLU B 243 27.55 -6.71 -9.24
CA GLU B 243 27.37 -7.49 -10.47
C GLU B 243 27.09 -6.76 -11.78
N TYR B 244 26.75 -5.47 -11.72
CA TYR B 244 26.44 -4.71 -12.94
C TYR B 244 27.08 -3.31 -12.91
N GLY B 245 28.24 -3.20 -12.26
CA GLY B 245 28.94 -1.92 -12.15
C GLY B 245 29.18 -1.16 -13.45
N ASP B 246 29.41 -1.90 -14.52
CA ASP B 246 29.66 -1.31 -15.83
C ASP B 246 28.40 -0.86 -16.56
N LYS B 247 27.23 -1.34 -16.16
N LYS B 247 27.27 -1.44 -16.16
CA LYS B 247 26.01 -0.94 -16.86
CA LYS B 247 25.97 -1.18 -16.76
C LYS B 247 25.09 -0.03 -16.04
C LYS B 247 25.00 -0.28 -15.98
N VAL B 248 25.35 0.09 -14.74
CA VAL B 248 24.48 0.93 -13.91
C VAL B 248 25.10 2.12 -13.16
N PHE B 249 24.23 3.04 -12.75
CA PHE B 249 24.60 4.19 -11.92
C PHE B 249 23.54 4.18 -10.80
N THR B 250 23.99 3.99 -9.56
CA THR B 250 23.07 3.93 -8.43
C THR B 250 22.99 5.22 -7.62
N TRP B 251 21.94 5.33 -6.81
CA TRP B 251 21.79 6.51 -5.96
C TRP B 251 22.71 6.41 -4.75
N ALA B 252 23.14 5.19 -4.42
CA ALA B 252 24.09 5.01 -3.33
C ALA B 252 25.39 5.65 -3.81
N GLN B 253 25.74 5.42 -5.08
CA GLN B 253 26.94 6.02 -5.66
C GLN B 253 26.74 7.54 -5.69
N TYR B 254 25.51 7.97 -6.02
CA TYR B 254 25.17 9.39 -6.06
C TYR B 254 25.40 9.99 -4.66
N ASP B 255 25.01 9.25 -3.63
CA ASP B 255 25.16 9.68 -2.23
C ASP B 255 26.62 10.00 -1.92
N ARG B 256 27.50 9.05 -2.26
CA ARG B 256 28.94 9.18 -2.03
C ARG B 256 29.56 10.36 -2.78
N ILE B 257 29.20 10.50 -4.06
CA ILE B 257 29.72 11.61 -4.84
C ILE B 257 29.30 12.93 -4.17
N ALA B 258 28.01 13.05 -3.88
CA ALA B 258 27.43 14.24 -3.25
C ALA B 258 28.13 14.66 -1.97
N GLU B 259 28.42 13.67 -1.15
CA GLU B 259 29.09 13.86 0.12
C GLU B 259 30.55 14.30 -0.10
N GLU B 260 31.27 13.61 -0.98
CA GLU B 260 32.65 13.93 -1.29
C GLU B 260 32.86 15.20 -2.13
N GLN B 261 32.03 15.42 -3.15
CA GLN B 261 32.19 16.57 -4.05
C GLN B 261 31.04 17.57 -4.17
N GLY B 262 29.92 17.32 -3.49
CA GLY B 262 28.78 18.22 -3.59
C GLY B 262 27.69 17.63 -4.48
N LYS B 263 26.51 18.28 -4.51
CA LYS B 263 25.36 17.81 -5.30
C LYS B 263 25.43 18.19 -6.77
N ASP B 264 26.09 19.30 -7.07
CA ASP B 264 26.24 19.74 -8.46
C ASP B 264 27.03 18.68 -9.21
N ALA B 265 28.04 18.13 -8.52
CA ALA B 265 28.89 17.09 -9.07
C ALA B 265 28.07 15.82 -9.28
N ALA B 266 27.27 15.49 -8.27
CA ALA B 266 26.41 14.31 -8.30
C ALA B 266 25.34 14.36 -9.39
N ASN B 267 24.70 15.52 -9.56
CA ASN B 267 23.67 15.66 -10.58
C ASN B 267 24.31 15.52 -11.96
N LYS B 268 25.50 16.08 -12.07
CA LYS B 268 26.27 16.04 -13.30
C LYS B 268 26.68 14.59 -13.65
N ALA B 269 27.12 13.84 -12.65
CA ALA B 269 27.53 12.44 -12.85
C ALA B 269 26.32 11.58 -13.25
N GLN B 270 25.16 11.83 -12.64
CA GLN B 270 23.96 11.06 -12.97
C GLN B 270 23.53 11.34 -14.40
N SER B 271 23.58 12.61 -14.81
CA SER B 271 23.20 13.00 -16.17
C SER B 271 24.12 12.38 -17.22
N GLU B 272 25.42 12.34 -16.92
CA GLU B 272 26.38 11.76 -17.85
C GLU B 272 26.18 10.24 -17.97
N ALA B 273 25.85 9.61 -16.85
CA ALA B 273 25.60 8.16 -16.84
C ALA B 273 24.39 7.83 -17.71
N GLU B 274 23.35 8.67 -17.65
CA GLU B 274 22.16 8.47 -18.46
C GLU B 274 22.51 8.61 -19.95
N ALA B 275 23.19 9.71 -20.28
CA ALA B 275 23.61 9.98 -21.65
C ALA B 275 24.46 8.84 -22.19
N ALA B 276 25.15 8.15 -21.28
CA ALA B 276 26.00 7.03 -21.66
C ALA B 276 25.22 5.71 -21.71
N GLY B 277 23.91 5.78 -21.51
CA GLY B 277 23.07 4.58 -21.54
C GLY B 277 23.09 3.71 -20.29
N LYS B 278 23.61 4.24 -19.19
CA LYS B 278 23.63 3.48 -17.94
C LYS B 278 22.21 3.46 -17.36
N ILE B 279 21.86 2.33 -16.77
CA ILE B 279 20.55 2.16 -16.13
C ILE B 279 20.63 2.75 -14.73
N ILE B 280 19.74 3.67 -14.40
CA ILE B 280 19.76 4.29 -13.07
C ILE B 280 19.09 3.37 -12.04
N ILE B 281 19.79 3.08 -10.95
CA ILE B 281 19.22 2.26 -9.88
C ILE B 281 18.89 3.24 -8.77
N LYS B 282 17.61 3.44 -8.52
CA LYS B 282 17.16 4.38 -7.51
C LYS B 282 16.20 3.73 -6.50
N ASP B 283 15.69 4.50 -5.55
CA ASP B 283 14.77 3.92 -4.57
C ASP B 283 13.69 4.90 -4.18
N SER B 284 12.56 4.37 -3.71
N SER B 284 12.62 4.36 -3.61
CA SER B 284 11.45 5.21 -3.28
CA SER B 284 11.47 5.13 -3.15
C SER B 284 10.78 4.58 -2.06
C SER B 284 10.91 4.51 -1.87
N ILE B 285 10.52 5.41 -1.05
N ILE B 285 10.49 5.37 -0.94
CA ILE B 285 9.85 4.94 0.17
CA ILE B 285 9.87 4.91 0.29
C ILE B 285 8.44 4.53 -0.26
C ILE B 285 8.44 4.57 -0.15
N ALA B 286 7.99 3.38 0.23
CA ALA B 286 6.67 2.85 -0.17
C ALA B 286 5.43 3.73 -0.13
N ASP B 287 5.21 4.42 0.98
CA ASP B 287 4.03 5.27 1.05
C ASP B 287 4.11 6.42 0.03
N ILE B 288 5.29 7.00 -0.15
CA ILE B 288 5.51 8.07 -1.11
C ILE B 288 5.33 7.53 -2.55
N PHE B 289 5.84 6.34 -2.78
CA PHE B 289 5.76 5.70 -4.08
C PHE B 289 4.29 5.55 -4.52
N LEU B 290 3.41 5.19 -3.58
CA LEU B 290 1.98 5.05 -3.88
C LEU B 290 1.37 6.38 -4.34
N GLN B 291 2.02 7.50 -4.01
N GLN B 291 2.00 7.51 -4.00
CA GLN B 291 1.54 8.80 -4.43
CA GLN B 291 1.51 8.81 -4.46
C GLN B 291 2.13 9.13 -5.80
C GLN B 291 2.12 9.12 -5.82
N GLN B 292 3.44 8.90 -5.94
CA GLN B 292 4.14 9.18 -7.17
C GLN B 292 3.76 8.34 -8.39
N ILE B 293 3.22 7.16 -8.17
CA ILE B 293 2.78 6.37 -9.32
C ILE B 293 1.56 7.05 -9.94
N LEU B 294 0.88 7.90 -9.16
CA LEU B 294 -0.27 8.65 -9.64
C LEU B 294 0.11 10.01 -10.22
N THR B 295 1.01 10.72 -9.53
CA THR B 295 1.40 12.05 -9.96
C THR B 295 2.56 12.16 -10.94
N ARG B 296 3.50 11.23 -10.86
CA ARG B 296 4.69 11.22 -11.72
C ARG B 296 5.00 9.81 -12.23
N PRO B 297 4.01 9.12 -12.85
CA PRO B 297 4.26 7.75 -13.33
C PRO B 297 5.40 7.58 -14.36
N ASN B 298 5.63 8.62 -15.17
CA ASN B 298 6.68 8.60 -16.18
C ASN B 298 8.10 8.49 -15.61
N GLU B 299 8.25 8.68 -14.30
CA GLU B 299 9.56 8.57 -13.66
C GLU B 299 9.94 7.13 -13.31
N PHE B 300 9.00 6.21 -13.47
CA PHE B 300 9.24 4.81 -13.15
C PHE B 300 9.21 3.88 -14.35
N ASP B 301 10.07 2.87 -14.28
CA ASP B 301 10.22 1.90 -15.34
C ASP B 301 10.11 0.52 -14.71
N VAL B 302 11.25 -0.09 -14.40
CA VAL B 302 11.24 -1.40 -13.73
C VAL B 302 11.22 -1.08 -12.23
N VAL B 303 10.45 -1.84 -11.47
CA VAL B 303 10.35 -1.63 -10.04
C VAL B 303 10.66 -2.94 -9.35
N ALA B 304 11.51 -2.90 -8.33
CA ALA B 304 11.85 -4.10 -7.57
C ALA B 304 11.46 -3.86 -6.12
N THR B 305 10.69 -4.79 -5.57
CA THR B 305 10.24 -4.62 -4.20
C THR B 305 9.92 -5.96 -3.54
N MET B 306 9.55 -5.90 -2.27
CA MET B 306 9.22 -7.08 -1.48
C MET B 306 7.80 -7.62 -1.73
N ASN B 307 7.51 -8.77 -1.15
CA ASN B 307 6.24 -9.48 -1.36
C ASN B 307 4.99 -8.63 -1.07
N LEU B 308 4.89 -8.09 0.15
CA LEU B 308 3.72 -7.28 0.52
C LEU B 308 3.63 -5.99 -0.29
N ASN B 309 4.70 -5.19 -0.32
CA ASN B 309 4.67 -3.95 -1.10
C ASN B 309 4.30 -4.23 -2.56
N GLY B 310 4.86 -5.31 -3.11
CA GLY B 310 4.60 -5.67 -4.50
C GLY B 310 3.13 -5.96 -4.76
N ASP B 311 2.49 -6.64 -3.82
CA ASP B 311 1.08 -6.95 -3.91
C ASP B 311 0.25 -5.65 -4.00
N TYR B 312 0.50 -4.73 -3.08
CA TYR B 312 -0.20 -3.45 -3.05
C TYR B 312 0.06 -2.58 -4.27
N ILE B 313 1.33 -2.45 -4.65
CA ILE B 313 1.72 -1.63 -5.78
C ILE B 313 1.15 -2.15 -7.10
N SER B 314 1.23 -3.46 -7.31
CA SER B 314 0.70 -4.06 -8.54
C SER B 314 -0.78 -3.77 -8.73
N ASP B 315 -1.54 -3.92 -7.65
CA ASP B 315 -2.97 -3.67 -7.71
C ASP B 315 -3.29 -2.21 -7.90
N ALA B 316 -2.57 -1.35 -7.19
CA ALA B 316 -2.79 0.09 -7.32
C ALA B 316 -2.50 0.50 -8.76
N LEU B 317 -1.44 -0.05 -9.35
CA LEU B 317 -1.09 0.30 -10.73
C LEU B 317 -2.12 -0.19 -11.74
N ALA B 318 -2.59 -1.42 -11.55
CA ALA B 318 -3.57 -1.99 -12.45
C ALA B 318 -4.86 -1.17 -12.45
N ALA B 319 -5.27 -0.67 -11.29
CA ALA B 319 -6.49 0.13 -11.20
C ALA B 319 -6.36 1.45 -11.97
N GLN B 320 -5.15 1.99 -11.92
CA GLN B 320 -4.79 3.26 -12.55
C GLN B 320 -5.00 3.28 -14.06
N VAL B 321 -4.63 2.19 -14.71
CA VAL B 321 -4.77 2.12 -16.15
C VAL B 321 -6.09 1.47 -16.54
N GLY B 322 -6.95 1.25 -15.54
CA GLY B 322 -8.24 0.62 -15.78
C GLY B 322 -8.14 -0.85 -16.12
N GLY B 323 -7.04 -1.48 -15.73
CA GLY B 323 -6.81 -2.88 -16.03
C GLY B 323 -6.99 -3.85 -14.87
N ILE B 324 -7.91 -3.55 -13.96
CA ILE B 324 -8.18 -4.41 -12.81
C ILE B 324 -8.55 -5.87 -13.16
N GLY B 325 -9.31 -6.06 -14.24
CA GLY B 325 -9.70 -7.40 -14.64
C GLY B 325 -8.92 -7.97 -15.82
N ILE B 326 -7.86 -7.28 -16.24
CA ILE B 326 -7.06 -7.74 -17.36
C ILE B 326 -5.55 -7.77 -17.13
N ALA B 327 -5.10 -7.52 -15.91
CA ALA B 327 -3.66 -7.51 -15.62
C ALA B 327 -3.03 -8.91 -15.68
N PRO B 328 -1.94 -9.07 -16.44
CA PRO B 328 -1.26 -10.36 -16.53
C PRO B 328 -0.24 -10.53 -15.41
N GLY B 329 0.12 -11.78 -15.12
CA GLY B 329 1.10 -12.03 -14.09
C GLY B 329 1.84 -13.32 -14.33
N ALA B 330 3.06 -13.39 -13.80
CA ALA B 330 3.88 -14.59 -13.94
C ALA B 330 4.68 -14.84 -12.66
N ASN B 331 4.74 -16.09 -12.24
CA ASN B 331 5.52 -16.50 -11.07
C ASN B 331 6.65 -17.27 -11.72
N ILE B 332 7.88 -16.75 -11.59
CA ILE B 332 9.02 -17.38 -12.24
C ILE B 332 10.25 -17.62 -11.38
N ASN B 333 10.86 -18.78 -11.53
CA ASN B 333 12.13 -19.06 -10.88
C ASN B 333 13.12 -18.98 -12.06
N TYR B 334 13.85 -17.88 -12.15
CA TYR B 334 14.80 -17.70 -13.25
C TYR B 334 16.04 -18.59 -13.20
N GLU B 335 16.27 -19.27 -12.09
CA GLU B 335 17.43 -20.14 -11.95
C GLU B 335 17.13 -21.57 -12.43
N THR B 336 15.88 -22.01 -12.24
CA THR B 336 15.46 -23.36 -12.61
C THR B 336 14.56 -23.50 -13.84
N GLY B 337 14.16 -22.39 -14.44
CA GLY B 337 13.30 -22.45 -15.61
C GLY B 337 11.79 -22.64 -15.39
N HIS B 338 11.39 -22.89 -14.14
CA HIS B 338 9.97 -23.07 -13.80
C HIS B 338 9.21 -21.75 -13.77
N ALA B 339 7.93 -21.82 -14.16
CA ALA B 339 7.10 -20.63 -14.17
C ALA B 339 5.63 -20.98 -14.27
N ILE B 340 4.81 -20.18 -13.59
CA ILE B 340 3.38 -20.35 -13.62
C ILE B 340 2.82 -19.01 -13.99
N PHE B 341 2.11 -18.98 -15.10
CA PHE B 341 1.49 -17.77 -15.62
C PHE B 341 0.06 -17.79 -15.14
N GLU B 342 -0.44 -16.67 -14.64
CA GLU B 342 -1.76 -16.71 -14.07
C GLU B 342 -2.66 -15.51 -14.13
N ALA B 343 -3.93 -15.80 -13.89
CA ALA B 343 -4.97 -14.79 -13.83
C ALA B 343 -4.65 -14.06 -12.51
N THR B 344 -4.66 -12.73 -12.54
CA THR B 344 -4.34 -11.98 -11.33
C THR B 344 -5.58 -11.53 -10.55
N HIS B 345 -6.77 -11.75 -11.11
CA HIS B 345 -8.03 -11.36 -10.46
C HIS B 345 -8.63 -12.52 -9.66
N GLY B 346 -9.81 -12.24 -9.08
CA GLY B 346 -10.50 -13.24 -8.28
C GLY B 346 -11.36 -14.18 -9.11
N THR B 347 -12.00 -15.12 -8.42
CA THR B 347 -12.86 -16.12 -9.06
C THR B 347 -14.22 -15.62 -9.54
N ALA B 348 -14.62 -14.41 -9.15
CA ALA B 348 -15.91 -13.79 -9.52
C ALA B 348 -17.02 -14.80 -9.82
N PRO B 349 -17.39 -15.62 -8.82
CA PRO B 349 -18.42 -16.67 -8.91
C PRO B 349 -19.77 -16.27 -9.49
N LYS B 350 -20.26 -15.09 -9.15
CA LYS B 350 -21.56 -14.62 -9.64
C LYS B 350 -21.81 -14.96 -11.10
N TYR B 351 -20.79 -14.80 -11.94
CA TYR B 351 -20.92 -15.08 -13.36
C TYR B 351 -20.43 -16.45 -13.82
N ALA B 352 -20.08 -17.33 -12.88
CA ALA B 352 -19.59 -18.66 -13.23
C ALA B 352 -20.56 -19.34 -14.19
N GLY B 353 -20.05 -19.74 -15.34
CA GLY B 353 -20.89 -20.42 -16.33
C GLY B 353 -21.78 -19.55 -17.20
N LEU B 354 -21.82 -18.24 -16.95
CA LEU B 354 -22.66 -17.32 -17.74
C LEU B 354 -22.00 -16.84 -19.03
N ASP B 355 -20.73 -17.20 -19.21
CA ASP B 355 -19.97 -16.84 -20.40
C ASP B 355 -19.91 -15.34 -20.64
N LYS B 356 -19.69 -14.56 -19.59
CA LYS B 356 -19.62 -13.12 -19.79
C LYS B 356 -18.38 -12.46 -19.19
N VAL B 357 -17.60 -13.25 -18.44
CA VAL B 357 -16.35 -12.81 -17.79
C VAL B 357 -15.31 -12.36 -18.82
N ASN B 358 -14.45 -11.41 -18.43
CA ASN B 358 -13.40 -10.93 -19.33
C ASN B 358 -12.24 -11.92 -19.22
N PRO B 359 -11.88 -12.58 -20.33
CA PRO B 359 -10.78 -13.56 -20.34
C PRO B 359 -9.39 -12.94 -20.55
N SER B 360 -9.32 -11.61 -20.68
CA SER B 360 -8.07 -10.91 -20.95
C SER B 360 -6.88 -11.12 -20.02
N SER B 361 -7.13 -11.27 -18.72
CA SER B 361 -6.04 -11.48 -17.78
C SER B 361 -5.30 -12.76 -18.11
N VAL B 362 -6.05 -13.85 -18.30
CA VAL B 362 -5.42 -15.12 -18.64
C VAL B 362 -4.79 -15.05 -20.02
N ILE B 363 -5.45 -14.37 -20.96
CA ILE B 363 -4.91 -14.24 -22.31
C ILE B 363 -3.57 -13.50 -22.28
N LEU B 364 -3.51 -12.39 -21.53
CA LEU B 364 -2.27 -11.62 -21.43
C LEU B 364 -1.17 -12.36 -20.64
N SER B 365 -1.57 -13.19 -19.69
CA SER B 365 -0.59 -13.98 -18.95
C SER B 365 -0.05 -15.04 -19.92
N GLY B 366 -0.89 -15.43 -20.88
CA GLY B 366 -0.51 -16.39 -21.92
C GLY B 366 0.50 -15.74 -22.84
N VAL B 367 0.38 -14.42 -23.03
CA VAL B 367 1.32 -13.63 -23.83
C VAL B 367 2.70 -13.72 -23.15
N LEU B 368 2.71 -13.60 -21.83
CA LEU B 368 3.97 -13.73 -21.08
C LEU B 368 4.52 -15.15 -21.23
N LEU B 369 3.62 -16.14 -21.21
CA LEU B 369 4.01 -17.54 -21.35
C LEU B 369 4.71 -17.72 -22.71
N LEU B 370 4.07 -17.23 -23.77
CA LEU B 370 4.62 -17.32 -25.12
C LEU B 370 5.99 -16.63 -25.20
N GLU B 371 6.14 -15.48 -24.57
CA GLU B 371 7.42 -14.78 -24.58
C GLU B 371 8.48 -15.58 -23.83
N HIS B 372 8.08 -16.21 -22.73
CA HIS B 372 8.98 -17.04 -21.91
C HIS B 372 9.46 -18.26 -22.71
N LEU B 373 8.61 -18.73 -23.61
CA LEU B 373 8.93 -19.88 -24.46
C LEU B 373 9.80 -19.41 -25.65
N GLY B 374 9.86 -18.10 -25.86
CA GLY B 374 10.64 -17.55 -26.94
C GLY B 374 9.82 -17.44 -28.22
N TRP B 375 8.52 -17.69 -28.10
CA TRP B 375 7.58 -17.63 -29.22
C TRP B 375 7.01 -16.22 -29.33
N ASN B 376 7.89 -15.27 -29.59
CA ASN B 376 7.52 -13.86 -29.66
C ASN B 376 6.59 -13.44 -30.76
N GLU B 377 6.70 -14.09 -31.93
CA GLU B 377 5.85 -13.74 -33.05
C GLU B 377 4.40 -14.06 -32.68
N ALA B 378 4.21 -15.18 -31.96
CA ALA B 378 2.87 -15.57 -31.51
C ALA B 378 2.40 -14.56 -30.44
N ALA B 379 3.29 -14.25 -29.49
CA ALA B 379 2.99 -13.29 -28.42
C ALA B 379 2.55 -11.93 -28.99
N ASP B 380 3.28 -11.44 -29.99
CA ASP B 380 2.96 -10.17 -30.60
C ASP B 380 1.62 -10.16 -31.33
N LEU B 381 1.23 -11.32 -31.86
CA LEU B 381 -0.05 -11.47 -32.56
C LEU B 381 -1.19 -11.22 -31.59
N VAL B 382 -1.06 -11.79 -30.39
CA VAL B 382 -2.07 -11.66 -29.34
C VAL B 382 -2.13 -10.19 -28.83
N ILE B 383 -0.97 -9.59 -28.55
CA ILE B 383 -0.95 -8.19 -28.07
C ILE B 383 -1.61 -7.27 -29.08
N LYS B 384 -1.21 -7.39 -30.35
CA LYS B 384 -1.78 -6.54 -31.40
C LYS B 384 -3.27 -6.73 -31.53
N SER B 385 -3.74 -7.98 -31.50
CA SER B 385 -5.16 -8.20 -31.61
C SER B 385 -5.91 -7.62 -30.42
N MET B 386 -5.35 -7.80 -29.22
CA MET B 386 -5.95 -7.28 -27.99
C MET B 386 -6.11 -5.74 -28.12
N GLU B 387 -5.06 -5.10 -28.61
CA GLU B 387 -5.07 -3.65 -28.79
C GLU B 387 -6.18 -3.20 -29.73
N LYS B 388 -6.29 -3.85 -30.89
CA LYS B 388 -7.30 -3.51 -31.89
C LYS B 388 -8.73 -3.80 -31.41
N THR B 389 -8.91 -4.97 -30.81
CA THR B 389 -10.22 -5.39 -30.34
C THR B 389 -10.75 -4.47 -29.25
N ILE B 390 -9.91 -4.13 -28.28
CA ILE B 390 -10.32 -3.24 -27.21
C ILE B 390 -10.64 -1.86 -27.79
N ALA B 391 -9.77 -1.37 -28.67
CA ALA B 391 -9.98 -0.06 -29.30
C ALA B 391 -11.24 -0.03 -30.19
N SER B 392 -11.70 -1.21 -30.63
CA SER B 392 -12.90 -1.29 -31.47
C SER B 392 -14.17 -1.22 -30.63
N LYS B 393 -14.02 -1.53 -29.34
CA LYS B 393 -15.11 -1.53 -28.37
C LYS B 393 -16.05 -2.73 -28.38
N VAL B 394 -15.58 -3.84 -28.96
CA VAL B 394 -16.31 -5.11 -28.97
C VAL B 394 -15.65 -5.79 -27.79
N VAL B 395 -16.27 -5.58 -26.63
CA VAL B 395 -15.72 -6.05 -25.39
C VAL B 395 -16.74 -6.69 -24.47
N THR B 396 -16.24 -7.38 -23.45
CA THR B 396 -17.06 -8.04 -22.46
C THR B 396 -17.77 -6.98 -21.60
N TYR B 397 -18.78 -7.41 -20.84
CA TYR B 397 -19.58 -6.51 -20.02
C TYR B 397 -18.84 -5.50 -19.12
N ASP B 398 -17.78 -5.94 -18.45
CA ASP B 398 -17.01 -5.07 -17.53
C ASP B 398 -16.47 -3.80 -18.19
N PHE B 399 -16.10 -3.89 -19.46
CA PHE B 399 -15.63 -2.71 -20.16
C PHE B 399 -16.81 -1.97 -20.79
N ALA B 400 -17.68 -2.73 -21.45
CA ALA B 400 -18.84 -2.18 -22.13
C ALA B 400 -19.65 -1.18 -21.31
N ARG B 401 -20.00 -1.56 -20.08
CA ARG B 401 -20.79 -0.70 -19.22
C ARG B 401 -20.06 0.56 -18.74
N LEU B 402 -18.79 0.67 -19.08
CA LEU B 402 -17.99 1.85 -18.70
C LEU B 402 -17.69 2.72 -19.93
N MET B 403 -17.88 2.15 -21.12
CA MET B 403 -17.63 2.89 -22.35
C MET B 403 -18.93 3.31 -23.00
N ASP B 404 -18.79 4.21 -23.97
CA ASP B 404 -19.93 4.70 -24.72
C ASP B 404 -19.91 4.08 -26.12
N GLY B 405 -21.07 3.57 -26.53
CA GLY B 405 -21.20 2.95 -27.85
C GLY B 405 -20.48 1.63 -28.02
N ALA B 406 -20.40 0.86 -26.94
CA ALA B 406 -19.72 -0.43 -26.97
C ALA B 406 -20.66 -1.56 -27.36
N THR B 407 -20.10 -2.60 -27.94
CA THR B 407 -20.86 -3.78 -28.35
C THR B 407 -20.51 -4.87 -27.35
N GLU B 408 -21.29 -4.97 -26.28
CA GLU B 408 -21.05 -5.99 -25.28
C GLU B 408 -21.16 -7.38 -25.88
N VAL B 409 -20.14 -8.19 -25.65
CA VAL B 409 -20.11 -9.55 -26.18
C VAL B 409 -19.81 -10.53 -25.06
N LYS B 410 -20.07 -11.81 -25.31
CA LYS B 410 -19.80 -12.83 -24.32
C LYS B 410 -18.30 -13.12 -24.31
N CYS B 411 -17.87 -13.83 -23.28
CA CYS B 411 -16.47 -14.21 -23.11
C CYS B 411 -15.96 -14.96 -24.33
N SER B 412 -16.67 -16.01 -24.73
CA SER B 412 -16.30 -16.81 -25.91
C SER B 412 -16.31 -15.98 -27.19
N GLU B 413 -17.31 -15.10 -27.33
CA GLU B 413 -17.42 -14.22 -28.49
C GLU B 413 -16.23 -13.27 -28.59
N PHE B 414 -15.82 -12.72 -27.44
CA PHE B 414 -14.68 -11.82 -27.35
C PHE B 414 -13.43 -12.57 -27.79
N GLY B 415 -13.33 -13.83 -27.38
CA GLY B 415 -12.20 -14.66 -27.76
C GLY B 415 -12.18 -14.81 -29.27
N GLU B 416 -13.37 -15.01 -29.85
CA GLU B 416 -13.52 -15.14 -31.30
C GLU B 416 -13.14 -13.86 -32.02
N GLU B 417 -13.53 -12.73 -31.44
CA GLU B 417 -13.22 -11.42 -32.03
C GLU B 417 -11.70 -11.23 -32.07
N LEU B 418 -11.03 -11.66 -31.00
CA LEU B 418 -9.57 -11.55 -30.95
C LEU B 418 -8.94 -12.35 -32.08
N ILE B 419 -9.42 -13.58 -32.29
CA ILE B 419 -8.89 -14.41 -33.37
C ILE B 419 -9.18 -13.76 -34.74
N LYS B 420 -10.42 -13.30 -34.93
CA LYS B 420 -10.86 -12.62 -36.15
C LYS B 420 -9.89 -11.47 -36.47
N ASN B 421 -9.57 -10.66 -35.44
CA ASN B 421 -8.67 -9.52 -35.60
C ASN B 421 -7.18 -9.84 -35.65
N MET B 422 -6.80 -11.11 -35.55
CA MET B 422 -5.38 -11.48 -35.60
C MET B 422 -4.66 -11.21 -36.92
N ASP B 423 -5.43 -11.01 -37.98
CA ASP B 423 -4.85 -10.72 -39.28
C ASP B 423 -5.20 -9.29 -39.74
#